data_8SXU
#
_entry.id   8SXU
#
_cell.length_a   1.00
_cell.length_b   1.00
_cell.length_c   1.00
_cell.angle_alpha   90.00
_cell.angle_beta   90.00
_cell.angle_gamma   90.00
#
_symmetry.space_group_name_H-M   'P 1'
#
loop_
_entity.id
_entity.type
_entity.pdbx_description
1 polymer 'LINE-1 retrotransposable element ORF2 protein'
2 polymer 'RNA (25-MER)'
#
loop_
_entity_poly.entity_id
_entity_poly.type
_entity_poly.pdbx_seq_one_letter_code
_entity_poly.pdbx_strand_id
1 'polypeptide(L)'
;MTGSNSHITILTLNVNGLNSPIKRHRLASWIKSQDPSVCCIQETHLTCRDTHRLKIKGWRKIYQANGKQKKAGVAILVSD
KTDFKPTKIKRDKEGHYIMVKGSIQQEELTILNIYAPNTGAPRFIKQVLSDLQRDLDSHTLIMGDFNTPLSILDRSTRQK
VNKDTQELNSALHQTDLIDIYRTLHPKSTEYTFFSAPHHTYSKIDHIVGSKALLSKCKRTEIITNYLSDHSAIKLELRIK
NLTQSRSTTWKLNNLLLNDYWVHNEMKAEIKMFFETNENKDTTYQNLWDAFKAVCRGKFIALNAYKRKQERSKIDTLTSQ
LKELEKQEQTHSKASRRQEITKIRAELKEIETQKTLQKINESRSWFFERINKIDRPLARLIKKKREKNQIDTIKNDKGDI
TTDPTEIQTTIREYYKHLYANKLENLEEMDTFLDTYTLPRLNQEEVESLNRPITGSEIVAIINSLPTKKSPGPDGFTAEF
YQRYKEELVPFLLKLFQSIEKEGILPNSFYEASIILIPKPGRDTTKKENFRPISLMNIDAKILNKILANRIQQHIKKLIH
HDQVGFIPGMQGWFNIRKSINVIQHINRAKDKNHVIISIDAEKAFDKIQQPFMLKTLNKLGIDGMYLKIIRAIYDKPTAN
IILNGQKLEAFPLKTGTRQGCPLSPLLFNIVLEVLARAIRQEKEIKGIQLGKEEVKLSLFADDMIVYLENPIVSAQNLLK
LISNFSKVSGYKINVQKSQAFLYNNNRQTESQIMGELPFTIASKRIKYLGIQLTRDVKDLFKENYKPLLKEIKEDTNKWK
NIPCSWVGRINIVKMAILPKVIYRFNAIPIKLPMTFFTELEKTTLKFIWNQKRARIAKSILSQKNKAGGITLPDFKLYYK
ATVTKTAWYWYQNRDIDQWNRTEPSEIMPHIYNYLIFDKPEKNKQWGKDSLLNKWCWENWLAICRKLKLDPFLTPYTKIN
SRWIKDLNVKPKTIKTLEENLGITIQDIGVGKDFMSKTPKAMATKDKIDKWDLIKLKSFCTAKETTIRVNRQPTTWEKIF
ATYSSDKGLISRIYNELKQIYKKKTNNPIKKWAKDMNRHFSKEDIYAAKKHMKKCSSSLAIREMQIKTTMRYHLTPVRMA
IIKKSGNNRCWRGCGEIGTLVHCWWDCKLVQPLWKSVWRFLRDLELEIPFDPAIPLLGIYPKDYKSCCYKDTCTRMFIAA
LFTIAKTWNQPNCPTMIDWIKKMWHIYTMEYYAAIKNDEFISFVGTWMKLETIILSKLSQEQKTKHRIFSLIGGN
;
A
2 'polyribonucleotide' AAAAAAAAAAAAAAAAAAAAAAAAA C
#
# COMPACT_ATOMS: atom_id res chain seq x y z
N ASN A 254 22.37 -21.85 4.76
CA ASN A 254 21.89 -21.37 6.04
C ASN A 254 22.49 -22.18 7.18
N LEU A 255 22.42 -23.51 7.07
CA LEU A 255 23.00 -24.37 8.09
C LEU A 255 24.52 -24.20 8.15
N LEU A 256 25.17 -24.09 6.99
CA LEU A 256 26.61 -23.87 6.97
C LEU A 256 26.98 -22.50 7.52
N LEU A 257 26.06 -21.53 7.41
CA LEU A 257 26.32 -20.18 7.90
C LEU A 257 26.31 -20.08 9.42
N ASN A 258 25.82 -21.10 10.12
CA ASN A 258 25.75 -21.10 11.57
C ASN A 258 26.90 -21.85 12.22
N ASP A 259 27.87 -22.31 11.43
CA ASP A 259 29.01 -23.03 11.98
C ASP A 259 30.07 -22.05 12.47
N TYR A 260 30.49 -22.21 13.73
CA TYR A 260 31.46 -21.30 14.32
C TYR A 260 32.80 -21.38 13.61
N TRP A 261 33.28 -22.59 13.32
CA TRP A 261 34.54 -22.74 12.61
C TRP A 261 34.48 -22.16 11.21
N VAL A 262 33.38 -22.40 10.50
CA VAL A 262 33.21 -21.84 9.16
C VAL A 262 33.12 -20.32 9.25
N HIS A 263 32.42 -19.81 10.26
CA HIS A 263 32.31 -18.36 10.42
C HIS A 263 33.68 -17.73 10.65
N ASN A 264 34.49 -18.33 11.52
CA ASN A 264 35.83 -17.80 11.76
C ASN A 264 36.71 -17.91 10.52
N GLU A 265 36.60 -19.02 9.78
CA GLU A 265 37.39 -19.18 8.57
C GLU A 265 37.03 -18.11 7.54
N MET A 266 35.74 -17.83 7.37
CA MET A 266 35.35 -16.81 6.39
C MET A 266 35.67 -15.41 6.88
N LYS A 267 35.62 -15.17 8.20
CA LYS A 267 36.09 -13.89 8.71
C LYS A 267 37.56 -13.69 8.38
N ALA A 268 38.38 -14.71 8.60
CA ALA A 268 39.80 -14.62 8.27
C ALA A 268 40.02 -14.42 6.78
N GLU A 269 39.24 -15.13 5.95
CA GLU A 269 39.37 -14.97 4.51
C GLU A 269 39.01 -13.55 4.08
N ILE A 270 37.95 -12.98 4.65
CA ILE A 270 37.59 -11.61 4.34
C ILE A 270 38.69 -10.66 4.77
N LYS A 271 39.28 -10.90 5.94
CA LYS A 271 40.31 -9.99 6.45
C LYS A 271 41.56 -10.01 5.57
N MET A 272 42.07 -11.19 5.25
CA MET A 272 43.31 -11.31 4.47
C MET A 272 43.08 -11.81 3.05
N PHE A 273 41.98 -11.42 2.42
CA PHE A 273 41.80 -11.63 0.99
C PHE A 273 41.94 -10.33 0.19
N PHE A 274 41.18 -9.30 0.56
CA PHE A 274 41.20 -8.06 -0.20
C PHE A 274 42.57 -7.40 -0.16
N GLU A 275 43.22 -7.41 1.00
CA GLU A 275 44.54 -6.79 1.13
C GLU A 275 45.63 -7.73 0.64
N THR A 276 45.45 -8.27 -0.58
CA THR A 276 46.44 -9.14 -1.18
C THR A 276 46.70 -8.71 -2.63
N ASN A 277 45.70 -8.08 -3.24
CA ASN A 277 45.79 -7.62 -4.63
C ASN A 277 45.25 -6.20 -4.74
N GLU A 278 45.65 -5.33 -3.81
CA GLU A 278 45.24 -3.93 -3.82
C GLU A 278 46.02 -3.19 -4.90
N ASN A 279 45.54 -3.33 -6.13
CA ASN A 279 46.19 -2.76 -7.30
C ASN A 279 45.30 -1.70 -7.92
N LYS A 280 45.92 -0.62 -8.41
CA LYS A 280 45.18 0.46 -9.06
C LYS A 280 44.84 0.16 -10.51
N ASP A 281 45.44 -0.89 -11.09
CA ASP A 281 45.15 -1.22 -12.48
C ASP A 281 43.70 -1.64 -12.67
N THR A 282 43.16 -2.41 -11.73
CA THR A 282 41.78 -2.89 -11.82
C THR A 282 40.86 -1.91 -11.11
N THR A 283 39.61 -2.31 -10.93
CA THR A 283 38.59 -1.51 -10.26
C THR A 283 38.11 -2.25 -9.01
N TYR A 284 37.05 -1.75 -8.40
CA TYR A 284 36.48 -2.40 -7.22
C TYR A 284 35.36 -3.36 -7.57
N GLN A 285 34.70 -3.18 -8.70
CA GLN A 285 33.58 -4.05 -9.07
C GLN A 285 34.07 -5.45 -9.43
N ASN A 286 35.12 -5.54 -10.26
CA ASN A 286 35.66 -6.85 -10.61
C ASN A 286 36.28 -7.54 -9.40
N LEU A 287 36.96 -6.78 -8.54
CA LEU A 287 37.47 -7.35 -7.30
C LEU A 287 36.33 -7.86 -6.42
N TRP A 288 35.23 -7.12 -6.39
CA TRP A 288 34.04 -7.52 -5.62
C TRP A 288 33.47 -8.83 -6.16
N ASP A 289 33.36 -8.94 -7.48
CA ASP A 289 32.87 -10.17 -8.09
C ASP A 289 33.82 -11.34 -7.83
N ALA A 290 35.12 -11.09 -7.89
CA ALA A 290 36.10 -12.14 -7.60
C ALA A 290 36.03 -12.56 -6.14
N PHE A 291 35.74 -11.62 -5.24
CA PHE A 291 35.55 -11.98 -3.83
C PHE A 291 34.33 -12.86 -3.66
N LYS A 292 33.25 -12.55 -4.39
CA LYS A 292 32.09 -13.44 -4.39
C LYS A 292 32.45 -14.84 -4.89
N ALA A 293 33.24 -14.90 -5.98
CA ALA A 293 33.62 -16.19 -6.54
C ALA A 293 34.48 -17.00 -5.57
N VAL A 294 35.43 -16.34 -4.90
CA VAL A 294 36.28 -17.04 -3.94
C VAL A 294 35.47 -17.47 -2.72
N CYS A 295 34.46 -16.68 -2.34
CA CYS A 295 33.57 -17.12 -1.26
C CYS A 295 32.78 -18.35 -1.67
N ARG A 296 32.31 -18.39 -2.92
CA ARG A 296 31.60 -19.58 -3.40
C ARG A 296 32.51 -20.79 -3.40
N GLY A 297 33.74 -20.63 -3.87
CA GLY A 297 34.69 -21.74 -3.84
C GLY A 297 34.99 -22.22 -2.43
N LYS A 298 35.16 -21.28 -1.51
CA LYS A 298 35.44 -21.64 -0.12
C LYS A 298 34.25 -22.37 0.51
N PHE A 299 33.03 -21.91 0.24
CA PHE A 299 31.87 -22.62 0.77
C PHE A 299 31.71 -23.99 0.14
N ILE A 300 32.03 -24.13 -1.14
CA ILE A 300 31.99 -25.45 -1.77
C ILE A 300 32.98 -26.39 -1.08
N ALA A 301 34.19 -25.90 -0.84
CA ALA A 301 35.19 -26.72 -0.15
C ALA A 301 34.75 -27.07 1.27
N LEU A 302 34.18 -26.10 1.98
CA LEU A 302 33.72 -26.35 3.35
C LEU A 302 32.59 -27.36 3.38
N ASN A 303 31.65 -27.27 2.43
CA ASN A 303 30.56 -28.23 2.36
C ASN A 303 31.09 -29.63 2.04
N ALA A 304 32.05 -29.73 1.13
CA ALA A 304 32.66 -31.02 0.83
C ALA A 304 33.35 -31.60 2.05
N TYR A 305 34.08 -30.76 2.79
CA TYR A 305 34.77 -31.23 3.99
C TYR A 305 33.78 -31.69 5.06
N LYS A 306 32.69 -30.94 5.23
CA LYS A 306 31.67 -31.33 6.21
C LYS A 306 30.99 -32.63 5.81
N ARG A 307 30.72 -32.81 4.52
CA ARG A 307 30.11 -34.06 4.05
C ARG A 307 31.07 -35.24 4.27
N LYS A 308 32.36 -35.04 4.01
CA LYS A 308 33.33 -36.10 4.24
C LYS A 308 33.43 -36.44 5.72
N GLN A 309 33.44 -35.41 6.59
CA GLN A 309 33.52 -35.66 8.02
C GLN A 309 32.27 -36.37 8.53
N GLU A 310 31.10 -35.97 8.05
CA GLU A 310 29.84 -36.58 8.48
C GLU A 310 29.66 -37.97 7.90
N ILE A 393 0.38 -27.07 -21.55
CA ILE A 393 0.77 -25.88 -22.30
C ILE A 393 0.42 -26.06 -23.78
N LYS A 394 0.34 -24.94 -24.51
CA LYS A 394 0.01 -24.95 -25.92
C LYS A 394 1.04 -24.14 -26.69
N ASN A 395 1.33 -24.59 -27.91
CA ASN A 395 2.29 -23.91 -28.77
C ASN A 395 1.60 -22.77 -29.50
N ASP A 396 2.30 -22.19 -30.49
CA ASP A 396 1.72 -21.10 -31.27
C ASP A 396 0.56 -21.59 -32.13
N LYS A 397 0.60 -22.85 -32.58
CA LYS A 397 -0.45 -23.42 -33.39
C LYS A 397 -1.66 -23.86 -32.58
N GLY A 398 -1.57 -23.82 -31.25
CA GLY A 398 -2.66 -24.22 -30.38
C GLY A 398 -2.67 -25.68 -30.00
N ASP A 399 -1.76 -26.49 -30.53
CA ASP A 399 -1.71 -27.90 -30.18
C ASP A 399 -1.19 -28.09 -28.76
N ILE A 400 -1.66 -29.14 -28.10
CA ILE A 400 -1.23 -29.47 -26.75
C ILE A 400 0.15 -30.12 -26.83
N THR A 401 1.11 -29.55 -26.10
CA THR A 401 2.48 -30.04 -26.10
C THR A 401 2.94 -30.28 -24.66
N THR A 402 3.72 -31.35 -24.48
CA THR A 402 4.28 -31.69 -23.17
C THR A 402 5.77 -31.97 -23.23
N ASP A 403 6.41 -31.74 -24.37
CA ASP A 403 7.84 -32.04 -24.51
C ASP A 403 8.66 -31.03 -23.74
N PRO A 404 9.52 -31.47 -22.81
CA PRO A 404 10.36 -30.51 -22.08
C PRO A 404 11.28 -29.70 -22.97
N THR A 405 11.76 -30.28 -24.07
CA THR A 405 12.64 -29.53 -24.98
C THR A 405 11.85 -28.52 -25.79
N GLU A 406 10.65 -28.88 -26.24
CA GLU A 406 9.87 -27.99 -27.09
C GLU A 406 9.39 -26.76 -26.33
N ILE A 407 8.92 -26.95 -25.09
CA ILE A 407 8.36 -25.84 -24.33
C ILE A 407 9.41 -24.76 -24.09
N GLN A 408 10.68 -25.14 -24.01
CA GLN A 408 11.74 -24.16 -23.85
C GLN A 408 11.78 -23.18 -25.02
N THR A 409 11.62 -23.69 -26.24
CA THR A 409 11.68 -22.83 -27.42
C THR A 409 10.49 -21.88 -27.51
N THR A 410 9.39 -22.17 -26.81
CA THR A 410 8.19 -21.35 -26.92
C THR A 410 8.15 -20.23 -25.89
N ILE A 411 8.22 -20.58 -24.60
CA ILE A 411 8.10 -19.57 -23.55
C ILE A 411 9.28 -18.61 -23.60
N ARG A 412 10.48 -19.11 -23.91
CA ARG A 412 11.65 -18.24 -24.04
C ARG A 412 11.44 -17.23 -25.17
N GLU A 413 10.95 -17.69 -26.32
CA GLU A 413 10.70 -16.78 -27.43
C GLU A 413 9.60 -15.79 -27.10
N TYR A 414 8.52 -16.26 -26.47
CA TYR A 414 7.43 -15.37 -26.10
C TYR A 414 7.89 -14.30 -25.12
N TYR A 415 8.67 -14.71 -24.11
CA TYR A 415 9.17 -13.75 -23.12
C TYR A 415 10.16 -12.78 -23.76
N LYS A 416 11.08 -13.30 -24.57
CA LYS A 416 12.10 -12.44 -25.16
C LYS A 416 11.51 -11.52 -26.23
N HIS A 417 10.44 -11.95 -26.90
CA HIS A 417 9.82 -11.10 -27.91
C HIS A 417 9.23 -9.85 -27.29
N LEU A 418 8.51 -10.00 -26.17
CA LEU A 418 7.96 -8.84 -25.49
C LEU A 418 9.05 -8.00 -24.84
N TYR A 419 10.08 -8.67 -24.29
CA TYR A 419 11.13 -7.95 -23.57
C TYR A 419 12.09 -7.22 -24.49
N ALA A 420 12.31 -7.71 -25.71
CA ALA A 420 13.26 -7.08 -26.62
C ALA A 420 12.68 -5.86 -27.33
N ASN A 421 11.36 -5.68 -27.31
CA ASN A 421 10.75 -4.56 -28.01
C ASN A 421 10.96 -3.27 -27.25
N LYS A 422 12.03 -2.55 -27.57
CA LYS A 422 12.34 -1.27 -26.95
C LYS A 422 12.01 -0.15 -27.94
N LEU A 423 11.27 0.85 -27.46
CA LEU A 423 10.83 1.94 -28.32
C LEU A 423 11.98 2.90 -28.58
N GLU A 424 12.23 3.20 -29.85
CA GLU A 424 13.30 4.10 -30.26
C GLU A 424 12.81 5.51 -30.57
N ASN A 425 11.51 5.77 -30.46
CA ASN A 425 10.95 7.08 -30.76
C ASN A 425 11.23 8.06 -29.61
N LEU A 426 12.52 8.32 -29.40
CA LEU A 426 12.94 9.21 -28.33
C LEU A 426 12.43 10.62 -28.55
N GLU A 427 12.50 11.11 -29.79
CA GLU A 427 12.03 12.46 -30.08
C GLU A 427 10.53 12.58 -29.93
N GLU A 428 9.79 11.53 -30.29
CA GLU A 428 8.34 11.54 -30.08
C GLU A 428 8.00 11.42 -28.60
N MET A 429 8.82 10.71 -27.84
CA MET A 429 8.55 10.49 -26.41
C MET A 429 8.59 11.79 -25.62
N ASP A 430 9.55 12.67 -25.90
CA ASP A 430 9.70 13.89 -25.11
C ASP A 430 8.54 14.84 -25.35
N THR A 431 7.93 14.78 -26.54
CA THR A 431 6.82 15.69 -26.85
C THR A 431 5.65 15.47 -25.91
N PHE A 432 5.34 14.21 -25.60
CA PHE A 432 4.26 13.93 -24.64
C PHE A 432 4.59 14.48 -23.26
N LEU A 433 5.84 14.33 -22.82
CA LEU A 433 6.23 14.83 -21.52
C LEU A 433 6.11 16.35 -21.44
N ASP A 434 6.54 17.05 -22.50
CA ASP A 434 6.44 18.50 -22.51
C ASP A 434 5.00 18.98 -22.63
N THR A 435 4.08 18.11 -23.08
CA THR A 435 2.69 18.53 -23.21
C THR A 435 2.07 18.87 -21.87
N TYR A 436 2.38 18.08 -20.84
CA TYR A 436 1.79 18.24 -19.51
C TYR A 436 2.89 18.60 -18.50
N THR A 437 2.47 18.78 -17.26
CA THR A 437 3.34 19.27 -16.20
C THR A 437 3.61 18.16 -15.18
N LEU A 438 4.85 18.11 -14.70
CA LEU A 438 5.30 17.17 -13.69
C LEU A 438 5.95 17.93 -12.55
N PRO A 439 5.94 17.39 -11.34
CA PRO A 439 6.53 18.11 -10.20
C PRO A 439 8.04 18.25 -10.35
N ARG A 440 8.56 19.33 -9.77
CA ARG A 440 9.99 19.62 -9.77
C ARG A 440 10.48 19.60 -8.33
N LEU A 441 11.42 18.70 -8.04
CA LEU A 441 11.94 18.57 -6.69
C LEU A 441 12.91 19.71 -6.37
N ASN A 442 12.81 20.24 -5.16
CA ASN A 442 13.69 21.31 -4.72
C ASN A 442 15.12 20.77 -4.55
N GLN A 443 16.09 21.67 -4.71
CA GLN A 443 17.49 21.27 -4.70
C GLN A 443 17.87 20.55 -3.42
N GLU A 444 17.33 20.99 -2.28
CA GLU A 444 17.62 20.32 -1.01
C GLU A 444 17.18 18.87 -1.04
N GLU A 445 15.99 18.60 -1.59
CA GLU A 445 15.55 17.22 -1.76
C GLU A 445 16.49 16.45 -2.68
N VAL A 446 16.89 17.08 -3.79
CA VAL A 446 17.87 16.45 -4.69
C VAL A 446 19.17 16.20 -3.95
N GLU A 447 19.62 17.19 -3.16
CA GLU A 447 20.81 17.00 -2.34
C GLU A 447 20.62 15.87 -1.34
N SER A 448 19.40 15.74 -0.79
CA SER A 448 19.11 14.62 0.10
C SER A 448 19.26 13.29 -0.62
N LEU A 449 18.75 13.20 -1.85
CA LEU A 449 18.97 12.00 -2.64
C LEU A 449 20.43 11.86 -3.05
N ASN A 450 21.09 12.98 -3.37
CA ASN A 450 22.49 12.96 -3.74
C ASN A 450 23.42 12.90 -2.54
N ARG A 451 22.88 12.85 -1.33
CA ARG A 451 23.71 12.76 -0.15
C ARG A 451 24.50 11.45 -0.18
N PRO A 452 25.80 11.48 0.12
CA PRO A 452 26.58 10.24 0.15
C PRO A 452 26.02 9.25 1.16
N ILE A 453 26.12 7.97 0.83
CA ILE A 453 25.61 6.93 1.72
C ILE A 453 26.40 6.94 3.02
N THR A 454 25.69 6.98 4.14
CA THR A 454 26.31 7.06 5.46
C THR A 454 26.43 5.66 6.06
N GLY A 455 26.99 5.60 7.27
CA GLY A 455 27.08 4.36 8.00
C GLY A 455 25.83 3.98 8.76
N SER A 456 24.78 4.80 8.67
CA SER A 456 23.50 4.51 9.31
C SER A 456 22.51 3.83 8.38
N GLU A 457 22.50 4.21 7.11
CA GLU A 457 21.60 3.56 6.15
C GLU A 457 21.95 2.09 5.99
N ILE A 458 23.24 1.75 6.00
CA ILE A 458 23.67 0.37 5.78
C ILE A 458 23.14 -0.54 6.88
N VAL A 459 23.26 -0.11 8.14
CA VAL A 459 22.86 -0.96 9.25
C VAL A 459 21.34 -1.08 9.32
N ALA A 460 20.63 0.02 9.04
CA ALA A 460 19.18 -0.01 9.12
C ALA A 460 18.59 -0.98 8.10
N ILE A 461 19.08 -0.94 6.86
CA ILE A 461 18.51 -1.77 5.81
C ILE A 461 18.82 -3.24 6.06
N ILE A 462 20.06 -3.56 6.43
CA ILE A 462 20.44 -4.96 6.66
C ILE A 462 19.70 -5.50 7.87
N ASN A 463 19.48 -4.67 8.89
CA ASN A 463 18.68 -5.09 10.03
C ASN A 463 17.22 -5.29 9.61
N SER A 464 16.69 -4.40 8.77
CA SER A 464 15.33 -4.52 8.28
C SER A 464 15.28 -5.32 6.97
N LEU A 465 15.91 -6.49 7.00
CA LEU A 465 15.92 -7.39 5.86
C LEU A 465 15.16 -8.66 6.21
N PRO A 466 13.97 -8.88 5.67
CA PRO A 466 13.21 -10.10 6.02
C PRO A 466 13.98 -11.35 5.64
N THR A 467 13.86 -12.38 6.49
CA THR A 467 14.59 -13.63 6.32
C THR A 467 13.67 -14.73 5.80
N LYS A 468 14.22 -15.94 5.66
CA LYS A 468 13.49 -17.09 5.10
C LYS A 468 13.02 -16.83 3.68
N LYS A 469 13.87 -16.18 2.88
CA LYS A 469 13.54 -15.83 1.50
C LYS A 469 14.68 -16.28 0.58
N SER A 470 14.44 -16.15 -0.72
CA SER A 470 15.41 -16.58 -1.74
C SER A 470 15.73 -15.40 -2.65
N PRO A 471 16.98 -14.94 -2.67
CA PRO A 471 17.37 -13.88 -3.60
C PRO A 471 17.91 -14.42 -4.92
N GLY A 472 18.43 -13.54 -5.76
CA GLY A 472 19.22 -13.96 -6.89
C GLY A 472 20.27 -14.95 -6.43
N PRO A 473 20.51 -16.00 -7.23
CA PRO A 473 21.16 -17.20 -6.68
C PRO A 473 22.52 -16.94 -6.05
N ASP A 474 23.49 -16.48 -6.84
CA ASP A 474 24.81 -16.10 -6.34
C ASP A 474 25.51 -17.24 -5.63
N GLY A 475 24.89 -18.42 -5.60
CA GLY A 475 25.31 -19.46 -4.68
C GLY A 475 25.20 -19.05 -3.23
N PHE A 476 24.37 -18.07 -2.92
CA PHE A 476 24.25 -17.47 -1.59
C PHE A 476 22.82 -17.55 -1.10
N THR A 477 22.59 -16.96 0.08
CA THR A 477 21.26 -16.85 0.68
C THR A 477 21.16 -15.50 1.38
N ALA A 478 20.00 -15.27 2.01
CA ALA A 478 19.76 -13.98 2.65
C ALA A 478 20.52 -13.84 3.97
N GLU A 479 20.78 -14.96 4.66
CA GLU A 479 21.46 -14.91 5.94
C GLU A 479 22.93 -14.53 5.82
N PHE A 480 23.46 -14.46 4.60
CA PHE A 480 24.88 -14.13 4.41
C PHE A 480 25.19 -12.74 4.93
N TYR A 481 24.42 -11.74 4.51
CA TYR A 481 24.67 -10.37 4.91
C TYR A 481 24.12 -10.05 6.29
N GLN A 482 23.23 -10.89 6.82
CA GLN A 482 22.70 -10.70 8.16
C GLN A 482 23.58 -11.30 9.23
N ARG A 483 24.60 -12.08 8.87
CA ARG A 483 25.53 -12.66 9.81
C ARG A 483 26.93 -12.09 9.71
N TYR A 484 27.36 -11.68 8.52
CA TYR A 484 28.70 -11.14 8.27
C TYR A 484 28.68 -9.62 8.23
N LYS A 485 27.84 -8.99 9.06
CA LYS A 485 27.65 -7.55 8.97
C LYS A 485 28.93 -6.78 9.27
N GLU A 486 29.69 -7.21 10.28
CA GLU A 486 30.77 -6.39 10.84
C GLU A 486 31.82 -6.08 9.79
N GLU A 487 32.25 -7.08 9.02
CA GLU A 487 33.32 -6.88 8.05
C GLU A 487 32.86 -6.16 6.79
N LEU A 488 31.56 -6.10 6.51
CA LEU A 488 31.05 -5.39 5.35
C LEU A 488 30.44 -4.05 5.70
N VAL A 489 30.36 -3.69 6.98
CA VAL A 489 29.87 -2.36 7.35
C VAL A 489 30.74 -1.25 6.76
N PRO A 490 32.07 -1.27 6.90
CA PRO A 490 32.88 -0.24 6.22
C PRO A 490 33.18 -0.62 4.78
N PHE A 491 33.19 -1.93 4.50
CA PHE A 491 33.57 -2.41 3.18
C PHE A 491 32.55 -2.04 2.13
N LEU A 492 31.25 -2.11 2.46
CA LEU A 492 30.22 -1.81 1.48
C LEU A 492 30.28 -0.35 1.06
N LEU A 493 30.60 0.55 2.00
CA LEU A 493 30.81 1.95 1.64
C LEU A 493 31.96 2.08 0.65
N LYS A 494 33.05 1.35 0.89
CA LYS A 494 34.15 1.33 -0.07
C LYS A 494 33.69 0.81 -1.42
N LEU A 495 32.86 -0.24 -1.41
CA LEU A 495 32.24 -0.70 -2.65
C LEU A 495 31.31 0.37 -3.22
N PHE A 496 30.55 1.03 -2.34
CA PHE A 496 29.69 2.11 -2.80
C PHE A 496 30.49 3.33 -3.24
N GLN A 497 31.65 3.57 -2.60
CA GLN A 497 32.48 4.70 -3.00
C GLN A 497 32.99 4.55 -4.42
N SER A 498 33.17 3.31 -4.89
CA SER A 498 33.55 3.11 -6.29
C SER A 498 32.49 3.62 -7.24
N ILE A 499 31.21 3.52 -6.86
CA ILE A 499 30.13 4.03 -7.70
C ILE A 499 30.21 5.56 -7.80
N GLU A 500 30.73 6.22 -6.78
CA GLU A 500 30.80 7.68 -6.80
C GLU A 500 31.69 8.17 -7.93
N LYS A 501 32.84 7.54 -8.13
CA LYS A 501 33.79 7.98 -9.15
C LYS A 501 33.56 7.33 -10.51
N GLU A 502 32.69 6.33 -10.59
CA GLU A 502 32.42 5.63 -11.85
C GLU A 502 30.97 5.69 -12.28
N GLY A 503 30.03 5.52 -11.36
CA GLY A 503 28.62 5.51 -11.72
C GLY A 503 28.20 4.28 -12.51
N ILE A 504 28.89 3.16 -12.31
CA ILE A 504 28.58 1.91 -12.98
C ILE A 504 28.35 0.82 -11.93
N LEU A 505 27.66 -0.24 -12.35
CA LEU A 505 27.33 -1.34 -11.47
C LEU A 505 28.16 -2.57 -11.81
N PRO A 506 28.41 -3.45 -10.83
CA PRO A 506 29.16 -4.67 -11.12
C PRO A 506 28.40 -5.58 -12.07
N ASN A 507 29.15 -6.40 -12.81
CA ASN A 507 28.53 -7.31 -13.76
C ASN A 507 27.62 -8.33 -13.06
N SER A 508 27.97 -8.75 -11.85
CA SER A 508 27.15 -9.67 -11.10
C SER A 508 25.88 -9.03 -10.55
N PHE A 509 25.82 -7.70 -10.50
CA PHE A 509 24.61 -7.03 -10.03
C PHE A 509 23.46 -7.20 -11.00
N TYR A 510 23.74 -7.26 -12.30
CA TYR A 510 22.69 -7.28 -13.31
C TYR A 510 21.93 -8.60 -13.36
N GLU A 511 22.52 -9.69 -12.90
CA GLU A 511 21.89 -10.99 -13.02
C GLU A 511 20.63 -11.06 -12.15
N ALA A 512 19.67 -11.86 -12.60
CA ALA A 512 18.41 -12.05 -11.90
C ALA A 512 17.85 -13.40 -12.27
N SER A 513 16.89 -13.87 -11.45
CA SER A 513 16.28 -15.19 -11.62
C SER A 513 14.76 -15.01 -11.63
N ILE A 514 14.19 -14.92 -12.83
CA ILE A 514 12.74 -14.83 -12.97
C ILE A 514 12.15 -16.20 -12.67
N ILE A 515 11.20 -16.23 -11.72
CA ILE A 515 10.54 -17.46 -11.32
C ILE A 515 9.11 -17.41 -11.82
N LEU A 516 8.69 -18.45 -12.54
CA LEU A 516 7.35 -18.51 -13.12
C LEU A 516 6.40 -19.14 -12.14
N ILE A 517 5.38 -18.40 -11.74
CA ILE A 517 4.34 -18.92 -10.85
C ILE A 517 2.99 -18.63 -11.49
N PRO A 518 2.03 -19.56 -11.42
CA PRO A 518 0.73 -19.32 -12.07
C PRO A 518 -0.08 -18.23 -11.37
N LYS A 519 -0.87 -17.52 -12.16
CA LYS A 519 -1.81 -16.56 -11.62
C LYS A 519 -2.93 -17.29 -10.89
N PRO A 520 -3.55 -16.65 -9.90
CA PRO A 520 -4.63 -17.32 -9.16
C PRO A 520 -5.84 -17.56 -10.04
N GLY A 521 -6.31 -18.80 -10.05
CA GLY A 521 -7.51 -19.17 -10.79
C GLY A 521 -7.41 -18.98 -12.29
N ARG A 522 -6.30 -19.42 -12.89
CA ARG A 522 -6.12 -19.32 -14.33
C ARG A 522 -5.58 -20.63 -14.87
N ASP A 523 -5.88 -20.89 -16.14
CA ASP A 523 -5.43 -22.11 -16.79
C ASP A 523 -3.92 -22.07 -17.02
N THR A 524 -3.29 -23.24 -16.92
CA THR A 524 -1.85 -23.35 -17.15
C THR A 524 -1.51 -23.63 -18.60
N THR A 525 -2.50 -23.81 -19.48
CA THR A 525 -2.21 -24.11 -20.87
C THR A 525 -1.64 -22.90 -21.61
N LYS A 526 -2.08 -21.70 -21.26
CA LYS A 526 -1.60 -20.50 -21.92
C LYS A 526 -0.26 -20.07 -21.35
N LYS A 527 0.67 -19.70 -22.24
CA LYS A 527 1.99 -19.28 -21.81
C LYS A 527 1.96 -17.91 -21.13
N GLU A 528 0.89 -17.15 -21.30
CA GLU A 528 0.78 -15.81 -20.75
C GLU A 528 0.09 -15.78 -19.39
N ASN A 529 -0.16 -16.94 -18.79
CA ASN A 529 -0.83 -17.03 -17.51
C ASN A 529 0.13 -17.20 -16.34
N PHE A 530 1.43 -17.09 -16.57
CA PHE A 530 2.43 -17.20 -15.53
C PHE A 530 2.86 -15.81 -15.06
N ARG A 531 3.35 -15.75 -13.82
CA ARG A 531 3.78 -14.50 -13.23
C ARG A 531 5.30 -14.44 -13.18
N PRO A 532 5.91 -13.36 -13.68
CA PRO A 532 7.37 -13.21 -13.59
C PRO A 532 7.79 -12.75 -12.21
N ILE A 533 8.53 -13.59 -11.50
CA ILE A 533 9.04 -13.28 -10.16
C ILE A 533 10.56 -13.33 -10.26
N SER A 534 11.18 -12.17 -10.45
CA SER A 534 12.62 -12.08 -10.58
C SER A 534 13.26 -11.81 -9.23
N LEU A 535 14.19 -12.68 -8.85
CA LEU A 535 14.96 -12.52 -7.62
C LEU A 535 16.36 -12.05 -7.99
N MET A 536 16.79 -10.95 -7.40
CA MET A 536 18.10 -10.39 -7.66
C MET A 536 18.97 -10.53 -6.42
N ASN A 537 20.21 -10.06 -6.54
CA ASN A 537 21.19 -10.23 -5.48
C ASN A 537 20.76 -9.43 -4.25
N ILE A 538 21.04 -9.98 -3.07
CA ILE A 538 20.79 -9.23 -1.83
C ILE A 538 21.56 -7.92 -1.86
N ASP A 539 22.81 -7.98 -2.28
CA ASP A 539 23.60 -6.76 -2.49
C ASP A 539 22.93 -5.85 -3.52
N ALA A 540 22.44 -6.42 -4.61
CA ALA A 540 21.66 -5.63 -5.56
C ALA A 540 20.34 -5.20 -4.95
N LYS A 541 19.68 -6.09 -4.20
CA LYS A 541 18.44 -5.75 -3.53
C LYS A 541 18.66 -4.63 -2.52
N ILE A 542 19.82 -4.63 -1.86
CA ILE A 542 20.14 -3.55 -0.93
C ILE A 542 20.28 -2.23 -1.70
N LEU A 543 20.98 -2.25 -2.83
CA LEU A 543 21.39 -1.01 -3.48
C LEU A 543 20.19 -0.15 -3.85
N ASN A 544 19.22 -0.71 -4.56
CA ASN A 544 18.07 0.09 -4.97
C ASN A 544 17.16 0.42 -3.80
N LYS A 545 17.31 -0.29 -2.67
CA LYS A 545 16.44 -0.02 -1.53
C LYS A 545 16.67 1.38 -0.99
N ILE A 546 17.94 1.80 -0.84
CA ILE A 546 18.20 3.19 -0.48
C ILE A 546 17.73 4.12 -1.58
N LEU A 547 17.94 3.73 -2.84
CA LEU A 547 17.37 4.49 -3.95
C LEU A 547 15.86 4.58 -3.81
N ALA A 548 15.22 3.48 -3.40
CA ALA A 548 13.80 3.54 -3.07
C ALA A 548 13.57 4.31 -1.77
N ASN A 549 14.39 4.04 -0.75
CA ASN A 549 14.20 4.69 0.54
C ASN A 549 14.37 6.20 0.44
N ARG A 550 15.36 6.64 -0.34
CA ARG A 550 15.57 8.07 -0.51
C ARG A 550 14.37 8.74 -1.17
N ILE A 551 13.78 8.08 -2.17
CA ILE A 551 12.56 8.59 -2.77
C ILE A 551 11.33 8.21 -1.94
N GLN A 552 11.44 7.23 -1.05
CA GLN A 552 10.33 6.89 -0.17
C GLN A 552 9.98 8.06 0.74
N GLN A 553 11.00 8.76 1.23
CA GLN A 553 10.75 9.95 2.05
C GLN A 553 10.22 11.12 1.22
N HIS A 554 10.23 11.00 -0.11
CA HIS A 554 9.76 12.07 -0.98
C HIS A 554 8.70 11.59 -1.98
N ILE A 555 8.23 10.35 -1.85
CA ILE A 555 7.28 9.81 -2.82
C ILE A 555 5.95 10.55 -2.74
N LYS A 556 5.55 10.96 -1.53
CA LYS A 556 4.26 11.63 -1.37
C LYS A 556 4.24 12.96 -2.13
N LYS A 557 5.36 13.69 -2.13
CA LYS A 557 5.43 14.92 -2.90
C LYS A 557 5.39 14.65 -4.39
N LEU A 558 5.96 13.52 -4.83
CA LEU A 558 6.06 13.25 -6.26
C LEU A 558 4.72 12.82 -6.85
N ILE A 559 4.16 11.72 -6.37
CA ILE A 559 2.91 11.19 -6.91
C ILE A 559 1.74 11.86 -6.21
N HIS A 560 0.56 11.71 -6.81
CA HIS A 560 -0.66 12.20 -6.20
C HIS A 560 -1.15 11.23 -5.12
N HIS A 561 -2.10 11.71 -4.31
CA HIS A 561 -2.67 10.87 -3.27
C HIS A 561 -3.64 9.83 -3.81
N ASP A 562 -4.01 9.91 -5.09
CA ASP A 562 -4.96 8.96 -5.66
C ASP A 562 -4.38 7.55 -5.64
N GLN A 563 -3.12 7.41 -6.01
CA GLN A 563 -2.48 6.10 -5.99
C GLN A 563 -2.28 5.64 -4.55
N VAL A 564 -2.63 4.38 -4.29
CA VAL A 564 -2.54 3.82 -2.94
C VAL A 564 -1.69 2.57 -2.95
N GLY A 565 -1.14 2.22 -4.10
CA GLY A 565 -0.36 1.01 -4.23
C GLY A 565 1.06 1.20 -3.76
N PHE A 566 1.46 0.37 -2.78
CA PHE A 566 2.82 0.33 -2.27
C PHE A 566 3.30 1.68 -1.74
N ILE A 567 2.39 2.43 -1.11
CA ILE A 567 2.74 3.68 -0.47
C ILE A 567 2.51 3.51 1.03
N PRO A 568 3.57 3.33 1.82
CA PRO A 568 3.38 3.22 3.28
C PRO A 568 2.67 4.44 3.83
N GLY A 569 1.78 4.21 4.79
CA GLY A 569 0.88 5.23 5.24
C GLY A 569 -0.42 5.32 4.46
N MET A 570 -0.55 4.55 3.38
CA MET A 570 -1.77 4.47 2.59
C MET A 570 -2.17 3.01 2.46
N GLN A 571 -3.47 2.74 2.53
CA GLN A 571 -3.98 1.38 2.52
C GLN A 571 -4.78 1.12 1.25
N GLY A 572 -4.80 -0.14 0.85
CA GLY A 572 -5.45 -0.55 -0.38
C GLY A 572 -6.94 -0.28 -0.42
N TRP A 573 -7.61 -0.41 0.73
CA TRP A 573 -9.05 -0.28 0.78
C TRP A 573 -9.51 1.15 0.58
N PHE A 574 -8.56 2.09 0.48
CA PHE A 574 -8.92 3.49 0.23
C PHE A 574 -9.74 3.63 -1.03
N ASN A 575 -9.30 2.98 -2.11
CA ASN A 575 -10.04 3.05 -3.37
C ASN A 575 -11.40 2.40 -3.26
N ILE A 576 -11.50 1.28 -2.53
CA ILE A 576 -12.77 0.56 -2.43
C ILE A 576 -13.84 1.45 -1.82
N ARG A 577 -13.51 2.09 -0.69
CA ARG A 577 -14.45 3.04 -0.11
C ARG A 577 -14.65 4.24 -1.03
N LYS A 578 -13.59 4.68 -1.69
CA LYS A 578 -13.72 5.76 -2.66
C LYS A 578 -14.62 5.36 -3.81
N SER A 579 -14.43 4.15 -4.34
CA SER A 579 -15.21 3.73 -5.51
C SER A 579 -16.66 3.43 -5.13
N ILE A 580 -16.87 2.75 -4.01
CA ILE A 580 -18.22 2.33 -3.63
C ILE A 580 -19.13 3.54 -3.47
N ASN A 581 -18.58 4.62 -2.94
CA ASN A 581 -19.38 5.83 -2.75
C ASN A 581 -19.89 6.38 -4.07
N VAL A 582 -19.20 6.10 -5.17
CA VAL A 582 -19.65 6.58 -6.48
C VAL A 582 -20.93 5.88 -6.90
N ILE A 583 -20.97 4.55 -6.78
CA ILE A 583 -22.19 3.83 -7.13
C ILE A 583 -23.35 4.24 -6.24
N GLN A 584 -23.08 4.51 -4.96
CA GLN A 584 -24.11 5.07 -4.11
C GLN A 584 -24.56 6.43 -4.62
N HIS A 585 -23.61 7.25 -5.06
CA HIS A 585 -23.98 8.52 -5.70
C HIS A 585 -24.70 8.27 -7.01
N ILE A 586 -24.23 7.30 -7.80
CA ILE A 586 -24.87 7.03 -9.09
C ILE A 586 -26.26 6.46 -8.89
N ASN A 587 -26.46 5.65 -7.84
CA ASN A 587 -27.77 5.08 -7.58
C ASN A 587 -28.76 6.17 -7.16
N ARG A 588 -28.34 7.08 -6.28
CA ARG A 588 -29.20 8.17 -5.87
C ARG A 588 -29.45 9.15 -7.01
N ALA A 589 -28.46 9.34 -7.88
CA ALA A 589 -28.61 10.27 -8.99
C ALA A 589 -29.67 9.75 -9.97
N LYS A 590 -30.71 10.56 -10.19
CA LYS A 590 -31.75 10.17 -11.13
C LYS A 590 -31.22 10.09 -12.56
N ASP A 591 -30.37 11.03 -12.95
CA ASP A 591 -29.79 11.04 -14.29
C ASP A 591 -28.58 10.11 -14.30
N LYS A 592 -28.83 8.86 -14.66
CA LYS A 592 -27.78 7.84 -14.72
C LYS A 592 -27.26 7.77 -16.15
N ASN A 593 -26.17 8.50 -16.42
CA ASN A 593 -25.51 8.44 -17.71
C ASN A 593 -23.99 8.33 -17.57
N HIS A 594 -23.51 7.96 -16.40
CA HIS A 594 -22.08 7.81 -16.15
C HIS A 594 -21.69 6.33 -16.26
N VAL A 595 -20.40 6.10 -16.50
CA VAL A 595 -19.88 4.76 -16.74
C VAL A 595 -18.66 4.55 -15.87
N ILE A 596 -18.53 3.35 -15.31
CA ILE A 596 -17.41 2.97 -14.45
C ILE A 596 -16.65 1.84 -15.13
N ILE A 597 -15.34 1.99 -15.24
CA ILE A 597 -14.47 1.00 -15.88
C ILE A 597 -13.30 0.68 -14.96
N SER A 598 -13.02 -0.61 -14.82
CA SER A 598 -11.88 -1.11 -14.05
C SER A 598 -10.80 -1.53 -15.05
N ILE A 599 -9.93 -0.59 -15.41
CA ILE A 599 -8.89 -0.83 -16.41
C ILE A 599 -7.77 -1.62 -15.75
N ASP A 600 -7.63 -2.88 -16.14
CA ASP A 600 -6.53 -3.72 -15.68
C ASP A 600 -5.61 -4.01 -16.85
N ALA A 601 -4.30 -3.90 -16.62
CA ALA A 601 -3.30 -4.06 -17.66
C ALA A 601 -2.72 -5.46 -17.63
N GLU A 602 -2.40 -5.99 -18.80
CA GLU A 602 -1.79 -7.32 -18.93
C GLU A 602 -0.30 -7.19 -18.70
N LYS A 603 0.17 -7.66 -17.54
CA LYS A 603 1.59 -7.68 -17.18
C LYS A 603 2.22 -6.29 -17.35
N ALA A 604 1.60 -5.30 -16.73
CA ALA A 604 2.15 -3.94 -16.77
C ALA A 604 3.49 -3.83 -16.09
N PHE A 605 3.85 -4.81 -15.25
CA PHE A 605 5.15 -4.82 -14.60
C PHE A 605 6.30 -5.01 -15.58
N ASP A 606 6.00 -5.43 -16.81
CA ASP A 606 7.03 -5.81 -17.76
C ASP A 606 6.86 -5.22 -19.16
N LYS A 607 5.91 -4.32 -19.37
CA LYS A 607 5.63 -3.77 -20.68
C LYS A 607 5.72 -2.25 -20.69
N ILE A 608 6.64 -1.69 -19.90
CA ILE A 608 6.95 -0.27 -19.95
C ILE A 608 8.37 -0.11 -20.48
N GLN A 609 8.66 1.05 -21.04
CA GLN A 609 9.92 1.26 -21.75
C GLN A 609 10.93 1.92 -20.84
N GLN A 610 12.14 1.35 -20.79
CA GLN A 610 13.22 1.97 -20.05
C GLN A 610 13.52 3.40 -20.49
N PRO A 611 13.56 3.74 -21.79
CA PRO A 611 13.78 5.14 -22.15
C PRO A 611 12.74 6.10 -21.59
N PHE A 612 11.48 5.66 -21.50
CA PHE A 612 10.46 6.53 -20.92
C PHE A 612 10.70 6.75 -19.44
N MET A 613 10.90 5.67 -18.68
CA MET A 613 11.07 5.79 -17.24
C MET A 613 12.38 6.47 -16.88
N LEU A 614 13.39 6.42 -17.75
CA LEU A 614 14.64 7.14 -17.50
C LEU A 614 14.45 8.63 -17.73
N LYS A 615 13.75 9.01 -18.82
CA LYS A 615 13.60 10.41 -19.15
C LYS A 615 12.59 11.12 -18.25
N THR A 616 11.54 10.41 -17.82
CA THR A 616 10.63 10.99 -16.84
C THR A 616 11.36 11.27 -15.53
N LEU A 617 12.23 10.36 -15.10
CA LEU A 617 13.06 10.61 -13.93
C LEU A 617 13.97 11.81 -14.15
N ASN A 618 14.35 12.08 -15.39
CA ASN A 618 15.10 13.28 -15.69
C ASN A 618 14.21 14.52 -15.72
N LYS A 619 12.95 14.35 -16.14
CA LYS A 619 12.08 15.49 -16.37
C LYS A 619 11.57 16.13 -15.10
N LEU A 620 11.55 15.41 -13.98
CA LEU A 620 10.97 15.92 -12.74
C LEU A 620 12.00 16.57 -11.83
N GLY A 621 13.22 16.81 -12.32
CA GLY A 621 14.24 17.48 -11.55
C GLY A 621 15.32 16.58 -11.00
N ILE A 622 15.14 15.26 -11.02
CA ILE A 622 16.16 14.36 -10.51
C ILE A 622 17.34 14.36 -11.46
N ASP A 623 18.54 14.56 -10.91
CA ASP A 623 19.77 14.60 -11.70
C ASP A 623 20.93 14.27 -10.75
N GLY A 624 22.14 14.54 -11.21
CA GLY A 624 23.31 14.24 -10.39
C GLY A 624 23.49 12.74 -10.27
N MET A 625 23.75 12.28 -9.04
CA MET A 625 23.94 10.85 -8.83
C MET A 625 22.68 10.06 -9.12
N TYR A 626 21.51 10.57 -8.71
CA TYR A 626 20.28 9.79 -8.83
C TYR A 626 20.01 9.41 -10.28
N LEU A 627 20.12 10.38 -11.18
CA LEU A 627 19.98 10.07 -12.60
C LEU A 627 21.13 9.17 -13.07
N LYS A 628 22.34 9.42 -12.58
CA LYS A 628 23.50 8.66 -13.02
C LYS A 628 23.39 7.20 -12.60
N ILE A 629 23.03 6.95 -11.34
CA ILE A 629 22.99 5.58 -10.86
C ILE A 629 21.82 4.83 -11.48
N ILE A 630 20.68 5.49 -11.63
CA ILE A 630 19.50 4.81 -12.19
C ILE A 630 19.73 4.45 -13.65
N ARG A 631 20.52 5.24 -14.37
CA ARG A 631 20.86 4.90 -15.75
C ARG A 631 21.68 3.63 -15.81
N ALA A 632 22.64 3.47 -14.89
CA ALA A 632 23.48 2.28 -14.89
C ALA A 632 22.74 1.04 -14.42
N ILE A 633 21.73 1.21 -13.57
CA ILE A 633 20.95 0.06 -13.12
C ILE A 633 20.24 -0.60 -14.28
N TYR A 634 19.64 0.20 -15.17
CA TYR A 634 18.92 -0.30 -16.33
C TYR A 634 19.70 -0.09 -17.63
N ASP A 635 21.02 0.04 -17.55
CA ASP A 635 21.83 0.19 -18.75
C ASP A 635 21.72 -1.05 -19.64
N LYS A 636 21.83 -2.23 -19.04
CA LYS A 636 21.67 -3.48 -19.79
C LYS A 636 21.27 -4.62 -18.85
N PRO A 637 20.13 -4.51 -18.16
CA PRO A 637 19.74 -5.57 -17.23
C PRO A 637 19.36 -6.84 -17.96
N THR A 638 19.61 -7.98 -17.30
CA THR A 638 19.32 -9.28 -17.88
C THR A 638 18.88 -10.23 -16.78
N ALA A 639 18.15 -11.28 -17.18
CA ALA A 639 17.66 -12.28 -16.26
C ALA A 639 17.69 -13.64 -16.92
N ASN A 640 17.92 -14.67 -16.11
CA ASN A 640 17.99 -16.05 -16.58
C ASN A 640 16.75 -16.81 -16.08
N ILE A 641 16.11 -17.54 -16.97
CA ILE A 641 14.88 -18.26 -16.67
C ILE A 641 15.24 -19.61 -16.07
N ILE A 642 14.50 -20.01 -15.03
CA ILE A 642 14.65 -21.30 -14.39
C ILE A 642 13.32 -22.03 -14.44
N LEU A 643 13.34 -23.27 -14.95
CA LEU A 643 12.12 -24.06 -15.06
C LEU A 643 12.50 -25.53 -15.11
N ASN A 644 11.88 -26.33 -14.23
CA ASN A 644 12.07 -27.78 -14.19
C ASN A 644 13.55 -28.15 -14.07
N GLY A 645 14.28 -27.43 -13.23
CA GLY A 645 15.66 -27.74 -12.98
C GLY A 645 16.61 -27.45 -14.12
N GLN A 646 16.27 -26.51 -15.00
CA GLN A 646 17.12 -26.13 -16.11
C GLN A 646 17.58 -24.69 -15.93
N LYS A 647 18.89 -24.46 -16.03
CA LYS A 647 19.46 -23.11 -15.94
C LYS A 647 19.54 -22.54 -17.34
N LEU A 648 18.40 -22.04 -17.83
CA LEU A 648 18.34 -21.45 -19.16
C LEU A 648 19.19 -20.19 -19.21
N GLU A 649 19.78 -19.93 -20.38
CA GLU A 649 20.65 -18.79 -20.55
C GLU A 649 19.86 -17.49 -20.43
N ALA A 650 20.54 -16.43 -20.02
CA ALA A 650 19.91 -15.14 -19.83
C ALA A 650 19.73 -14.43 -21.17
N PHE A 651 19.17 -13.22 -21.11
CA PHE A 651 18.88 -12.43 -22.29
C PHE A 651 18.61 -10.99 -21.87
N PRO A 652 18.82 -9.99 -22.74
CA PRO A 652 18.76 -8.59 -22.30
C PRO A 652 17.32 -8.09 -22.24
N LEU A 653 16.93 -7.61 -21.05
CA LEU A 653 15.60 -7.04 -20.83
C LEU A 653 15.59 -5.63 -21.38
N LYS A 654 15.32 -5.52 -22.68
CA LYS A 654 15.32 -4.21 -23.33
C LYS A 654 14.22 -3.31 -22.78
N THR A 655 13.09 -3.89 -22.39
CA THR A 655 11.98 -3.13 -21.84
C THR A 655 11.39 -3.88 -20.67
N GLY A 656 10.68 -3.14 -19.81
CA GLY A 656 10.05 -3.73 -18.65
C GLY A 656 10.92 -3.71 -17.42
N THR A 657 10.43 -3.08 -16.35
CA THR A 657 11.19 -3.03 -15.10
C THR A 657 11.24 -4.40 -14.46
N ARG A 658 12.32 -4.63 -13.72
CA ARG A 658 12.53 -5.94 -13.08
C ARG A 658 11.49 -6.17 -12.01
N GLN A 659 10.86 -7.35 -12.05
CA GLN A 659 9.83 -7.69 -11.08
C GLN A 659 10.46 -8.07 -9.75
N GLY A 660 9.82 -7.66 -8.65
CA GLY A 660 10.30 -8.00 -7.33
C GLY A 660 11.36 -7.08 -6.78
N CYS A 661 11.86 -6.14 -7.57
CA CYS A 661 12.81 -5.16 -7.06
C CYS A 661 12.08 -4.16 -6.16
N PRO A 662 12.58 -3.90 -4.95
CA PRO A 662 11.88 -2.96 -4.07
C PRO A 662 11.71 -1.57 -4.67
N LEU A 663 12.66 -1.13 -5.48
CA LEU A 663 12.55 0.18 -6.10
C LEU A 663 11.55 0.20 -7.24
N SER A 664 11.32 -0.94 -7.89
CA SER A 664 10.48 -0.99 -9.08
C SER A 664 9.06 -0.47 -8.85
N PRO A 665 8.34 -0.85 -7.79
CA PRO A 665 6.98 -0.28 -7.63
C PRO A 665 6.99 1.22 -7.49
N LEU A 666 8.01 1.79 -6.85
CA LEU A 666 8.11 3.25 -6.77
C LEU A 666 8.25 3.85 -8.16
N LEU A 667 9.07 3.24 -9.01
CA LEU A 667 9.16 3.67 -10.40
C LEU A 667 7.86 3.40 -11.14
N PHE A 668 7.13 2.35 -10.74
CA PHE A 668 5.86 2.03 -11.38
C PHE A 668 4.87 3.18 -11.24
N ASN A 669 4.83 3.82 -10.08
CA ASN A 669 3.92 4.94 -9.88
C ASN A 669 4.27 6.11 -10.80
N ILE A 670 5.55 6.42 -10.93
CA ILE A 670 5.96 7.62 -11.66
C ILE A 670 5.57 7.51 -13.13
N VAL A 671 5.82 6.36 -13.75
CA VAL A 671 5.43 6.19 -15.16
C VAL A 671 3.91 6.25 -15.29
N LEU A 672 3.19 5.71 -14.30
CA LEU A 672 1.75 5.85 -14.27
C LEU A 672 1.31 7.22 -13.78
N GLU A 673 2.18 7.95 -13.07
CA GLU A 673 1.81 9.24 -12.53
C GLU A 673 1.58 10.25 -13.65
N VAL A 674 2.49 10.30 -14.62
CA VAL A 674 2.30 11.17 -15.78
C VAL A 674 1.06 10.73 -16.56
N LEU A 675 0.83 9.42 -16.63
CA LEU A 675 -0.43 8.93 -17.18
C LEU A 675 -1.61 9.43 -16.36
N ALA A 676 -1.49 9.39 -15.03
CA ALA A 676 -2.57 9.87 -14.18
C ALA A 676 -2.81 11.35 -14.37
N ARG A 677 -1.75 12.13 -14.55
CA ARG A 677 -1.93 13.57 -14.78
C ARG A 677 -2.51 13.82 -16.17
N ALA A 678 -2.09 13.03 -17.16
CA ALA A 678 -2.56 13.25 -18.53
C ALA A 678 -4.07 13.13 -18.62
N ILE A 679 -4.64 12.10 -18.01
CA ILE A 679 -6.09 11.98 -17.96
C ILE A 679 -6.69 13.05 -17.07
N ARG A 680 -6.01 13.38 -15.96
CA ARG A 680 -6.51 14.41 -15.06
C ARG A 680 -6.52 15.78 -15.73
N GLN A 681 -5.45 16.12 -16.44
CA GLN A 681 -5.35 17.43 -17.08
C GLN A 681 -6.13 17.50 -18.40
N GLU A 682 -6.66 16.37 -18.88
CA GLU A 682 -7.44 16.38 -20.11
C GLU A 682 -8.83 16.89 -19.79
N LYS A 683 -9.11 18.14 -20.13
CA LYS A 683 -10.41 18.75 -19.86
C LYS A 683 -11.49 18.31 -20.85
N GLU A 684 -11.11 17.67 -21.95
CA GLU A 684 -12.12 17.12 -22.86
C GLU A 684 -12.94 16.04 -22.16
N ILE A 685 -12.28 15.21 -21.37
CA ILE A 685 -12.96 14.21 -20.54
C ILE A 685 -13.14 14.79 -19.15
N LYS A 686 -14.38 14.77 -18.66
CA LYS A 686 -14.73 15.40 -17.39
C LYS A 686 -14.89 14.34 -16.31
N GLY A 687 -14.48 14.69 -15.08
CA GLY A 687 -14.67 13.83 -13.94
C GLY A 687 -15.94 14.14 -13.19
N ILE A 688 -16.27 13.26 -12.24
CA ILE A 688 -17.51 13.38 -11.47
C ILE A 688 -17.32 14.42 -10.39
N GLN A 689 -18.23 15.40 -10.35
CA GLN A 689 -18.18 16.49 -9.37
C GLN A 689 -19.04 16.12 -8.18
N LEU A 690 -18.41 15.75 -7.07
CA LEU A 690 -19.10 15.45 -5.82
C LEU A 690 -19.03 16.70 -4.96
N GLY A 691 -20.02 17.57 -5.10
CA GLY A 691 -19.98 18.84 -4.40
C GLY A 691 -18.82 19.68 -4.88
N LYS A 692 -18.00 20.14 -3.94
CA LYS A 692 -16.77 20.86 -4.27
C LYS A 692 -15.60 19.91 -4.48
N GLU A 693 -15.78 18.61 -4.26
CA GLU A 693 -14.73 17.62 -4.40
C GLU A 693 -14.82 16.99 -5.79
N GLU A 694 -13.70 16.96 -6.50
CA GLU A 694 -13.63 16.40 -7.84
C GLU A 694 -13.02 15.01 -7.79
N VAL A 695 -13.82 14.00 -8.14
CA VAL A 695 -13.37 12.62 -8.21
C VAL A 695 -13.49 12.17 -9.65
N LYS A 696 -12.38 11.76 -10.22
CA LYS A 696 -12.36 11.37 -11.63
C LYS A 696 -11.77 9.99 -11.86
N LEU A 697 -10.77 9.59 -11.09
CA LEU A 697 -10.04 8.37 -11.37
C LEU A 697 -9.33 7.90 -10.10
N SER A 698 -8.90 6.64 -10.14
CA SER A 698 -8.15 6.03 -9.05
C SER A 698 -7.13 5.07 -9.62
N LEU A 699 -6.07 4.82 -8.86
CA LEU A 699 -5.00 3.94 -9.30
C LEU A 699 -4.71 2.87 -8.27
N PHE A 700 -4.07 1.80 -8.74
CA PHE A 700 -3.47 0.77 -7.91
C PHE A 700 -2.28 0.21 -8.68
N ALA A 701 -1.81 -0.97 -8.28
CA ALA A 701 -0.70 -1.59 -8.99
C ALA A 701 -1.07 -1.90 -10.44
N ASP A 702 -2.20 -2.59 -10.64
CA ASP A 702 -2.60 -3.03 -11.96
C ASP A 702 -4.06 -2.70 -12.24
N ASP A 703 -4.86 -2.60 -11.17
CA ASP A 703 -6.31 -2.44 -11.31
C ASP A 703 -6.70 -0.97 -11.16
N MET A 704 -6.29 -0.18 -12.16
CA MET A 704 -6.68 1.21 -12.21
C MET A 704 -8.15 1.33 -12.57
N ILE A 705 -8.85 2.28 -11.93
CA ILE A 705 -10.25 2.54 -12.19
C ILE A 705 -10.41 4.02 -12.54
N VAL A 706 -11.13 4.30 -13.61
CA VAL A 706 -11.44 5.66 -14.03
C VAL A 706 -12.95 5.81 -14.08
N TYR A 707 -13.46 6.88 -13.46
CA TYR A 707 -14.89 7.17 -13.47
C TYR A 707 -15.19 8.20 -14.56
N LEU A 708 -16.15 7.90 -15.41
CA LEU A 708 -16.49 8.74 -16.54
C LEU A 708 -18.00 8.94 -16.63
N GLU A 709 -18.38 10.06 -17.23
CA GLU A 709 -19.76 10.36 -17.56
C GLU A 709 -19.84 10.74 -19.03
N ASN A 710 -21.02 10.56 -19.62
CA ASN A 710 -21.23 10.77 -21.04
C ASN A 710 -20.20 9.94 -21.83
N PRO A 711 -20.36 8.61 -21.86
CA PRO A 711 -19.35 7.77 -22.52
C PRO A 711 -19.29 7.95 -24.03
N ILE A 712 -20.17 8.77 -24.62
CA ILE A 712 -20.11 9.01 -26.06
C ILE A 712 -18.80 9.68 -26.43
N VAL A 713 -18.38 10.67 -25.64
CA VAL A 713 -17.15 11.40 -25.89
C VAL A 713 -16.06 11.04 -24.88
N SER A 714 -16.42 10.96 -23.59
CA SER A 714 -15.41 10.75 -22.56
C SER A 714 -14.71 9.42 -22.70
N ALA A 715 -15.47 8.34 -22.98
CA ALA A 715 -14.86 7.03 -23.11
C ALA A 715 -13.89 6.98 -24.29
N GLN A 716 -14.28 7.57 -25.42
CA GLN A 716 -13.40 7.60 -26.58
C GLN A 716 -12.15 8.42 -26.29
N ASN A 717 -12.31 9.55 -25.59
CA ASN A 717 -11.15 10.36 -25.22
C ASN A 717 -10.22 9.60 -24.27
N LEU A 718 -10.76 8.66 -23.50
CA LEU A 718 -9.91 7.87 -22.62
C LEU A 718 -9.00 6.93 -23.40
N LEU A 719 -9.54 6.32 -24.47
CA LEU A 719 -8.77 5.33 -25.22
C LEU A 719 -7.58 5.96 -25.93
N LYS A 720 -7.76 7.14 -26.53
CA LYS A 720 -6.71 7.73 -27.34
C LYS A 720 -5.47 8.07 -26.51
N LEU A 721 -5.66 8.60 -25.30
CA LEU A 721 -4.52 8.94 -24.47
C LEU A 721 -3.73 7.70 -24.07
N ILE A 722 -4.42 6.61 -23.71
CA ILE A 722 -3.71 5.39 -23.35
C ILE A 722 -2.92 4.84 -24.54
N SER A 723 -3.53 4.84 -25.73
CA SER A 723 -2.83 4.39 -26.92
C SER A 723 -1.63 5.28 -27.21
N ASN A 724 -1.81 6.60 -27.07
CA ASN A 724 -0.67 7.51 -27.17
C ASN A 724 0.36 7.21 -26.09
N PHE A 725 -0.10 6.95 -24.87
CA PHE A 725 0.80 6.49 -23.82
C PHE A 725 1.39 5.13 -24.18
N SER A 726 0.58 4.25 -24.76
CA SER A 726 1.10 2.97 -25.23
C SER A 726 2.10 3.16 -26.36
N LYS A 727 1.85 4.15 -27.23
CA LYS A 727 2.77 4.43 -28.33
C LYS A 727 4.12 4.92 -27.83
N VAL A 728 4.20 5.40 -26.59
CA VAL A 728 5.46 5.86 -26.00
C VAL A 728 5.90 5.02 -24.83
N SER A 729 5.08 4.08 -24.36
CA SER A 729 5.46 3.23 -23.23
C SER A 729 5.14 1.76 -23.41
N GLY A 730 4.37 1.38 -24.43
CA GLY A 730 3.98 -0.02 -24.55
C GLY A 730 2.94 -0.47 -23.55
N TYR A 731 2.18 0.46 -23.00
CA TYR A 731 1.17 0.16 -21.97
C TYR A 731 -0.11 -0.26 -22.69
N LYS A 732 -0.24 -1.56 -22.94
CA LYS A 732 -1.40 -2.11 -23.63
C LYS A 732 -2.42 -2.57 -22.59
N ILE A 733 -3.62 -2.01 -22.65
CA ILE A 733 -4.67 -2.32 -21.68
C ILE A 733 -5.28 -3.68 -22.03
N ASN A 734 -5.40 -4.55 -21.03
CA ASN A 734 -6.02 -5.86 -21.20
C ASN A 734 -7.53 -5.66 -21.27
N VAL A 735 -8.02 -5.43 -22.49
CA VAL A 735 -9.46 -5.24 -22.67
C VAL A 735 -10.24 -6.54 -22.42
N GLN A 736 -9.57 -7.68 -22.53
CA GLN A 736 -10.26 -8.95 -22.32
C GLN A 736 -10.58 -9.18 -20.85
N LYS A 737 -9.62 -8.94 -19.97
CA LYS A 737 -9.77 -9.22 -18.55
C LYS A 737 -10.35 -8.06 -17.76
N SER A 738 -10.56 -6.91 -18.39
CA SER A 738 -11.04 -5.71 -17.70
C SER A 738 -12.51 -5.49 -18.05
N GLN A 739 -13.35 -5.40 -17.02
CA GLN A 739 -14.78 -5.23 -17.18
C GLN A 739 -15.15 -3.76 -17.05
N ALA A 740 -16.45 -3.48 -17.01
CA ALA A 740 -16.93 -2.11 -16.90
C ALA A 740 -18.34 -2.13 -16.32
N PHE A 741 -18.76 -0.98 -15.81
CA PHE A 741 -20.10 -0.80 -15.26
C PHE A 741 -20.79 0.33 -16.01
N LEU A 742 -21.92 0.02 -16.65
CA LEU A 742 -22.66 0.97 -17.47
C LEU A 742 -23.96 1.32 -16.76
N TYR A 743 -24.24 2.62 -16.63
CA TYR A 743 -25.47 3.11 -16.05
C TYR A 743 -26.13 4.04 -17.04
N ASN A 744 -27.21 3.58 -17.67
CA ASN A 744 -27.88 4.32 -18.73
C ASN A 744 -29.39 4.25 -18.51
N ASN A 745 -30.10 5.24 -19.08
CA ASN A 745 -31.55 5.30 -19.00
C ASN A 745 -32.23 5.00 -20.32
N ASN A 746 -31.54 5.11 -21.44
CA ASN A 746 -32.08 4.85 -22.77
C ASN A 746 -31.40 3.64 -23.37
N ARG A 747 -32.18 2.64 -23.77
CA ARG A 747 -31.61 1.43 -24.34
C ARG A 747 -30.98 1.69 -25.71
N GLN A 748 -31.49 2.68 -26.45
CA GLN A 748 -30.88 3.02 -27.73
C GLN A 748 -29.45 3.52 -27.53
N THR A 749 -29.22 4.34 -26.50
CA THR A 749 -27.87 4.81 -26.21
C THR A 749 -26.95 3.66 -25.82
N GLU A 750 -27.48 2.68 -25.08
CA GLU A 750 -26.66 1.57 -24.62
C GLU A 750 -26.13 0.76 -25.80
N SER A 751 -26.92 0.65 -26.87
CA SER A 751 -26.51 -0.16 -28.03
C SER A 751 -25.22 0.36 -28.65
N GLN A 752 -24.99 1.67 -28.59
CA GLN A 752 -23.78 2.25 -29.18
C GLN A 752 -22.54 1.98 -28.34
N ILE A 753 -22.69 1.53 -27.10
CA ILE A 753 -21.54 1.33 -26.23
C ILE A 753 -20.84 0.01 -26.55
N MET A 754 -21.56 -1.11 -26.38
CA MET A 754 -20.96 -2.40 -26.69
C MET A 754 -20.62 -2.54 -28.17
N GLY A 755 -21.36 -1.85 -29.04
CA GLY A 755 -21.04 -1.88 -30.45
C GLY A 755 -19.72 -1.21 -30.77
N GLU A 756 -19.41 -0.12 -30.08
CA GLU A 756 -18.19 0.64 -30.32
C GLU A 756 -17.11 0.38 -29.26
N LEU A 757 -17.45 0.57 -28.00
CA LEU A 757 -16.47 0.35 -26.94
C LEU A 757 -16.20 -1.14 -26.78
N PRO A 758 -14.94 -1.57 -26.83
CA PRO A 758 -14.66 -3.01 -26.81
C PRO A 758 -14.59 -3.59 -25.41
N PHE A 759 -15.09 -2.85 -24.43
CA PHE A 759 -14.99 -3.25 -23.03
C PHE A 759 -16.11 -4.23 -22.68
N THR A 760 -15.77 -5.24 -21.89
CA THR A 760 -16.73 -6.25 -21.45
C THR A 760 -17.67 -5.61 -20.43
N ILE A 761 -18.85 -5.20 -20.89
CA ILE A 761 -19.82 -4.49 -20.05
C ILE A 761 -20.50 -5.53 -19.16
N ALA A 762 -20.02 -5.67 -17.92
CA ALA A 762 -20.67 -6.53 -16.95
C ALA A 762 -21.73 -5.75 -16.20
N SER A 763 -22.97 -6.24 -16.26
CA SER A 763 -24.11 -5.53 -15.69
C SER A 763 -24.43 -5.93 -14.25
N LYS A 764 -23.69 -6.88 -13.68
CA LYS A 764 -24.00 -7.37 -12.35
C LYS A 764 -22.89 -7.09 -11.35
N ARG A 765 -21.65 -7.49 -11.64
CA ARG A 765 -20.56 -7.35 -10.68
C ARG A 765 -19.23 -7.35 -11.42
N ILE A 766 -18.20 -6.85 -10.73
CA ILE A 766 -16.83 -6.86 -11.23
C ILE A 766 -15.90 -7.30 -10.10
N LYS A 767 -14.71 -7.70 -10.47
CA LYS A 767 -13.69 -8.15 -9.51
C LYS A 767 -12.81 -6.99 -9.10
N TYR A 768 -12.52 -6.91 -7.79
CA TYR A 768 -11.55 -5.95 -7.28
C TYR A 768 -11.00 -6.50 -5.97
N LEU A 769 -9.81 -7.08 -6.04
CA LEU A 769 -9.06 -7.53 -4.85
C LEU A 769 -9.90 -8.43 -3.95
N GLY A 770 -10.82 -9.19 -4.56
CA GLY A 770 -11.70 -10.06 -3.82
C GLY A 770 -13.02 -9.44 -3.39
N ILE A 771 -13.28 -8.19 -3.75
CA ILE A 771 -14.54 -7.53 -3.43
C ILE A 771 -15.33 -7.34 -4.72
N GLN A 772 -16.66 -7.25 -4.58
CA GLN A 772 -17.57 -7.17 -5.71
C GLN A 772 -18.35 -5.87 -5.61
N LEU A 773 -18.02 -4.90 -6.44
CA LEU A 773 -18.76 -3.65 -6.50
C LEU A 773 -20.10 -3.91 -7.18
N THR A 774 -21.16 -4.05 -6.40
CA THR A 774 -22.46 -4.36 -6.96
C THR A 774 -23.04 -3.16 -7.71
N ARG A 775 -23.86 -3.45 -8.72
CA ARG A 775 -24.51 -2.38 -9.48
C ARG A 775 -25.44 -1.57 -8.59
N ASP A 776 -26.15 -2.23 -7.68
CA ASP A 776 -27.08 -1.58 -6.78
C ASP A 776 -26.56 -1.64 -5.35
N VAL A 777 -26.75 -0.55 -4.61
CA VAL A 777 -26.28 -0.49 -3.23
C VAL A 777 -27.04 -1.48 -2.36
N LYS A 778 -28.32 -1.70 -2.64
CA LYS A 778 -29.10 -2.65 -1.85
C LYS A 778 -28.53 -4.05 -1.97
N ASP A 779 -27.87 -4.37 -3.09
CA ASP A 779 -27.26 -5.68 -3.28
C ASP A 779 -25.83 -5.74 -2.78
N LEU A 780 -25.32 -4.65 -2.21
CA LEU A 780 -23.94 -4.67 -1.68
C LEU A 780 -23.80 -5.70 -0.57
N PHE A 781 -24.80 -5.79 0.31
CA PHE A 781 -24.79 -6.81 1.35
C PHE A 781 -24.80 -8.21 0.75
N LYS A 782 -25.65 -8.43 -0.26
CA LYS A 782 -25.88 -9.77 -0.76
C LYS A 782 -24.63 -10.33 -1.43
N GLU A 783 -24.05 -9.58 -2.37
CA GLU A 783 -22.98 -10.14 -3.18
C GLU A 783 -21.61 -10.03 -2.53
N ASN A 784 -21.49 -9.39 -1.36
CA ASN A 784 -20.21 -9.26 -0.69
C ASN A 784 -20.10 -10.11 0.56
N TYR A 785 -21.21 -10.62 1.09
CA TYR A 785 -21.17 -11.35 2.34
C TYR A 785 -21.77 -12.75 2.21
N LYS A 786 -22.81 -12.88 1.39
CA LYS A 786 -23.32 -14.23 1.10
C LYS A 786 -22.26 -15.10 0.43
N PRO A 787 -21.53 -14.64 -0.58
CA PRO A 787 -20.35 -15.42 -1.02
C PRO A 787 -19.31 -15.54 0.08
N LEU A 788 -19.20 -14.55 0.96
CA LEU A 788 -18.22 -14.60 2.02
C LEU A 788 -18.52 -15.71 3.02
N LEU A 789 -19.77 -15.79 3.49
CA LEU A 789 -20.11 -16.77 4.50
C LEU A 789 -19.92 -18.19 3.98
N LYS A 790 -20.33 -18.45 2.74
CA LYS A 790 -20.12 -19.77 2.16
C LYS A 790 -18.66 -20.03 1.81
N GLU A 791 -17.82 -19.00 1.78
CA GLU A 791 -16.40 -19.22 1.50
C GLU A 791 -15.75 -20.07 2.58
N ILE A 792 -16.03 -19.77 3.85
CA ILE A 792 -15.52 -20.62 4.93
C ILE A 792 -16.31 -21.92 5.03
N LYS A 793 -17.51 -21.98 4.48
CA LYS A 793 -18.33 -23.18 4.59
C LYS A 793 -17.61 -24.39 4.01
N GLU A 794 -17.04 -24.24 2.81
CA GLU A 794 -16.22 -25.30 2.26
C GLU A 794 -14.78 -25.23 2.72
N ASP A 795 -14.30 -24.03 3.10
CA ASP A 795 -12.97 -23.93 3.68
C ASP A 795 -12.87 -24.70 4.98
N THR A 796 -13.88 -24.56 5.85
CA THR A 796 -13.91 -25.35 7.07
C THR A 796 -14.22 -26.81 6.79
N ASN A 797 -14.72 -27.13 5.59
CA ASN A 797 -14.97 -28.51 5.18
C ASN A 797 -13.73 -29.19 4.64
N LYS A 798 -12.55 -28.63 4.90
CA LYS A 798 -11.28 -29.20 4.46
C LYS A 798 -10.35 -29.56 5.60
N TRP A 799 -10.26 -28.70 6.62
CA TRP A 799 -9.38 -28.96 7.77
C TRP A 799 -10.16 -29.64 8.89
N LYS A 800 -10.64 -30.85 8.59
CA LYS A 800 -11.42 -31.64 9.54
C LYS A 800 -10.74 -32.94 9.93
N ASN A 801 -10.21 -33.67 8.96
CA ASN A 801 -9.65 -34.99 9.22
C ASN A 801 -8.21 -34.96 9.71
N ILE A 802 -7.61 -33.78 9.85
CA ILE A 802 -6.23 -33.69 10.33
C ILE A 802 -6.19 -34.11 11.80
N PRO A 803 -5.37 -35.09 12.18
CA PRO A 803 -5.30 -35.54 13.59
C PRO A 803 -4.50 -34.57 14.46
N CYS A 804 -5.15 -33.48 14.84
CA CYS A 804 -4.52 -32.45 15.65
C CYS A 804 -5.51 -31.96 16.71
N SER A 805 -4.96 -31.35 17.76
CA SER A 805 -5.74 -30.97 18.92
C SER A 805 -6.64 -29.78 18.61
N TRP A 806 -7.56 -29.50 19.54
CA TRP A 806 -8.46 -28.36 19.39
C TRP A 806 -7.71 -27.03 19.40
N VAL A 807 -6.53 -26.99 20.05
CA VAL A 807 -5.72 -25.78 20.06
C VAL A 807 -5.27 -25.43 18.65
N GLY A 808 -5.05 -26.44 17.82
CA GLY A 808 -4.64 -26.23 16.44
C GLY A 808 -5.72 -25.75 15.51
N ARG A 809 -6.93 -25.51 16.01
CA ARG A 809 -8.01 -24.99 15.19
C ARG A 809 -8.13 -23.48 15.25
N ILE A 810 -7.92 -22.90 16.44
CA ILE A 810 -8.10 -21.45 16.59
C ILE A 810 -7.01 -20.69 15.87
N ASN A 811 -5.77 -21.19 15.94
CA ASN A 811 -4.64 -20.45 15.37
C ASN A 811 -4.77 -20.29 13.86
N ILE A 812 -5.15 -21.35 13.16
CA ILE A 812 -5.32 -21.23 11.71
C ILE A 812 -6.49 -20.32 11.39
N VAL A 813 -7.48 -20.24 12.29
CA VAL A 813 -8.57 -19.28 12.10
C VAL A 813 -8.02 -17.86 12.04
N LYS A 814 -7.13 -17.52 12.99
CA LYS A 814 -6.52 -16.20 12.97
C LYS A 814 -5.53 -16.04 11.83
N MET A 815 -5.10 -17.14 11.20
CA MET A 815 -4.08 -17.07 10.17
C MET A 815 -4.69 -17.09 8.76
N ALA A 816 -5.70 -17.93 8.55
CA ALA A 816 -6.26 -18.13 7.21
C ALA A 816 -7.47 -17.24 6.94
N ILE A 817 -8.51 -17.36 7.76
CA ILE A 817 -9.78 -16.70 7.44
C ILE A 817 -9.88 -15.34 8.12
N LEU A 818 -9.38 -15.21 9.35
CA LEU A 818 -9.48 -13.93 10.05
C LEU A 818 -8.81 -12.79 9.30
N PRO A 819 -7.57 -12.90 8.81
CA PRO A 819 -6.98 -11.75 8.09
C PRO A 819 -7.76 -11.35 6.86
N LYS A 820 -8.35 -12.32 6.15
CA LYS A 820 -9.02 -12.00 4.90
C LYS A 820 -10.37 -11.34 5.12
N VAL A 821 -11.08 -11.72 6.18
CA VAL A 821 -12.43 -11.20 6.38
C VAL A 821 -12.40 -9.72 6.74
N ILE A 822 -11.47 -9.31 7.62
CA ILE A 822 -11.42 -7.91 8.03
C ILE A 822 -11.19 -6.99 6.84
N TYR A 823 -10.61 -7.52 5.76
CA TYR A 823 -10.54 -6.75 4.52
C TYR A 823 -11.94 -6.37 4.07
N ARG A 824 -12.91 -7.27 4.22
CA ARG A 824 -14.27 -6.98 3.80
C ARG A 824 -14.91 -5.92 4.69
N PHE A 825 -14.81 -6.07 6.01
CA PHE A 825 -15.36 -5.05 6.91
C PHE A 825 -14.67 -3.71 6.71
N ASN A 826 -13.34 -3.73 6.56
CA ASN A 826 -12.60 -2.49 6.34
C ASN A 826 -13.06 -1.82 5.05
N ALA A 827 -13.20 -2.60 3.98
CA ALA A 827 -13.69 -2.04 2.73
C ALA A 827 -15.19 -1.80 2.77
N ILE A 828 -15.95 -2.70 3.39
CA ILE A 828 -17.41 -2.64 3.34
C ILE A 828 -17.94 -2.74 4.77
N PRO A 829 -18.04 -1.63 5.50
CA PRO A 829 -18.73 -1.61 6.80
C PRO A 829 -20.21 -1.23 6.71
N ILE A 830 -21.02 -2.16 6.20
CA ILE A 830 -22.47 -1.97 6.15
C ILE A 830 -23.05 -2.42 7.49
N LYS A 831 -24.24 -1.91 7.82
CA LYS A 831 -24.93 -2.37 9.02
C LYS A 831 -25.29 -3.85 8.85
N LEU A 832 -24.56 -4.73 9.54
CA LEU A 832 -24.71 -6.15 9.36
C LEU A 832 -25.70 -6.70 10.37
N PRO A 833 -26.78 -7.36 9.94
CA PRO A 833 -27.74 -7.92 10.90
C PRO A 833 -27.10 -8.99 11.79
N MET A 834 -27.67 -9.13 12.98
CA MET A 834 -27.15 -10.10 13.94
C MET A 834 -27.22 -11.51 13.36
N THR A 835 -28.19 -11.76 12.49
CA THR A 835 -28.32 -13.08 11.86
C THR A 835 -27.07 -13.42 11.04
N PHE A 836 -26.41 -12.42 10.47
CA PHE A 836 -25.24 -12.68 9.64
C PHE A 836 -24.13 -13.33 10.47
N PHE A 837 -23.87 -12.79 11.65
CA PHE A 837 -22.81 -13.33 12.50
C PHE A 837 -23.16 -14.70 13.06
N THR A 838 -24.44 -15.09 13.01
CA THR A 838 -24.85 -16.39 13.54
C THR A 838 -24.17 -17.52 12.78
N GLU A 839 -24.24 -17.48 11.44
CA GLU A 839 -23.57 -18.50 10.64
C GLU A 839 -22.05 -18.39 10.77
N LEU A 840 -21.52 -17.16 10.80
CA LEU A 840 -20.08 -16.97 10.91
C LEU A 840 -19.56 -17.56 12.23
N GLU A 841 -20.25 -17.29 13.33
CA GLU A 841 -19.82 -17.81 14.62
C GLU A 841 -20.04 -19.32 14.70
N LYS A 842 -21.23 -19.78 14.31
CA LYS A 842 -21.55 -21.20 14.45
C LYS A 842 -20.68 -22.08 13.56
N THR A 843 -20.30 -21.58 12.39
CA THR A 843 -19.38 -22.34 11.53
C THR A 843 -18.02 -22.50 12.20
N THR A 844 -17.53 -21.44 12.83
CA THR A 844 -16.28 -21.53 13.57
C THR A 844 -16.44 -22.44 14.80
N LEU A 845 -17.61 -22.37 15.44
CA LEU A 845 -17.81 -23.12 16.68
C LEU A 845 -17.67 -24.63 16.46
N LYS A 846 -18.25 -25.15 15.38
CA LYS A 846 -18.10 -26.56 15.08
C LYS A 846 -16.70 -26.88 14.60
N PHE A 847 -15.99 -25.89 14.04
CA PHE A 847 -14.65 -26.13 13.54
C PHE A 847 -13.65 -26.30 14.68
N ILE A 848 -13.72 -25.44 15.69
CA ILE A 848 -12.72 -25.47 16.76
C ILE A 848 -12.84 -26.75 17.58
N TRP A 849 -14.06 -27.21 17.82
CA TRP A 849 -14.30 -28.43 18.57
C TRP A 849 -14.45 -29.65 17.68
N ASN A 850 -14.29 -29.49 16.37
CA ASN A 850 -14.43 -30.58 15.39
C ASN A 850 -15.81 -31.23 15.49
N GLN A 851 -16.83 -30.40 15.29
CA GLN A 851 -18.23 -30.84 15.30
C GLN A 851 -18.59 -31.50 16.64
N LYS A 852 -18.11 -30.92 17.73
CA LYS A 852 -18.38 -31.41 19.07
C LYS A 852 -18.79 -30.26 19.97
N ARG A 853 -19.33 -30.60 21.14
CA ARG A 853 -19.74 -29.60 22.11
C ARG A 853 -18.52 -28.93 22.74
N ALA A 854 -18.72 -27.72 23.25
CA ALA A 854 -17.64 -26.96 23.86
C ALA A 854 -17.16 -27.64 25.13
N ARG A 855 -15.85 -27.77 25.27
CA ARG A 855 -15.26 -28.36 26.46
C ARG A 855 -14.99 -27.33 27.55
N ILE A 856 -14.71 -26.08 27.16
CA ILE A 856 -14.45 -24.99 28.10
C ILE A 856 -15.39 -23.85 27.76
N ALA A 857 -15.65 -23.01 28.76
CA ALA A 857 -16.56 -21.89 28.59
C ALA A 857 -16.03 -20.92 27.54
N LYS A 858 -16.93 -20.44 26.67
CA LYS A 858 -16.54 -19.50 25.64
C LYS A 858 -16.06 -18.18 26.24
N SER A 859 -16.75 -17.71 27.28
CA SER A 859 -16.35 -16.44 27.91
C SER A 859 -14.96 -16.56 28.53
N ILE A 860 -14.67 -17.69 29.18
CA ILE A 860 -13.36 -17.89 29.78
C ILE A 860 -12.29 -17.94 28.70
N LEU A 861 -12.55 -18.68 27.61
CA LEU A 861 -11.59 -18.78 26.52
C LEU A 861 -11.42 -17.48 25.76
N SER A 862 -12.41 -16.59 25.80
CA SER A 862 -12.31 -15.31 25.13
C SER A 862 -11.48 -14.29 25.90
N GLN A 863 -11.09 -14.60 27.13
CA GLN A 863 -10.28 -13.70 27.93
C GLN A 863 -8.81 -13.78 27.51
N LYS A 864 -7.97 -13.01 28.19
CA LYS A 864 -6.56 -12.96 27.87
C LYS A 864 -5.84 -14.20 28.38
N ASN A 865 -4.60 -14.37 27.92
CA ASN A 865 -3.80 -15.50 28.36
C ASN A 865 -3.49 -15.44 29.85
N LYS A 866 -3.43 -14.22 30.41
CA LYS A 866 -3.17 -14.07 31.84
C LYS A 866 -4.27 -14.70 32.68
N ALA A 867 -5.52 -14.55 32.25
CA ALA A 867 -6.66 -15.11 32.96
C ALA A 867 -6.97 -16.54 32.58
N GLY A 868 -6.17 -17.14 31.70
CA GLY A 868 -6.37 -18.51 31.28
C GLY A 868 -7.04 -18.66 29.92
N GLY A 869 -7.45 -17.56 29.29
CA GLY A 869 -8.10 -17.62 28.00
C GLY A 869 -7.10 -17.75 26.85
N ILE A 870 -7.65 -17.78 25.65
CA ILE A 870 -6.88 -17.88 24.42
C ILE A 870 -7.13 -16.70 23.49
N THR A 871 -7.94 -15.73 23.92
CA THR A 871 -8.33 -14.57 23.12
C THR A 871 -9.01 -15.04 21.83
N LEU A 872 -10.17 -15.63 22.04
CA LEU A 872 -10.97 -16.12 20.91
C LEU A 872 -11.42 -14.95 20.05
N PRO A 873 -11.31 -15.05 18.73
CA PRO A 873 -11.78 -13.95 17.87
C PRO A 873 -13.28 -13.72 18.05
N ASP A 874 -13.67 -12.45 18.01
CA ASP A 874 -15.07 -12.04 18.13
C ASP A 874 -15.36 -11.11 16.97
N PHE A 875 -15.91 -11.66 15.88
CA PHE A 875 -16.16 -10.87 14.68
C PHE A 875 -17.20 -9.79 14.92
N LYS A 876 -18.09 -9.99 15.90
CA LYS A 876 -19.07 -8.96 16.22
C LYS A 876 -18.37 -7.70 16.72
N LEU A 877 -17.39 -7.85 17.61
CA LEU A 877 -16.58 -6.72 18.03
C LEU A 877 -15.55 -6.33 16.98
N TYR A 878 -15.02 -7.31 16.24
CA TYR A 878 -14.09 -7.00 15.17
C TYR A 878 -14.75 -6.10 14.13
N TYR A 879 -15.99 -6.42 13.75
CA TYR A 879 -16.76 -5.51 12.91
C TYR A 879 -17.00 -4.19 13.64
N LYS A 880 -17.33 -4.25 14.93
CA LYS A 880 -17.51 -3.04 15.70
C LYS A 880 -16.21 -2.24 15.76
N ALA A 881 -15.08 -2.92 16.01
CA ALA A 881 -13.81 -2.24 16.05
C ALA A 881 -13.45 -1.65 14.69
N THR A 882 -13.67 -2.40 13.61
CA THR A 882 -13.33 -1.93 12.28
C THR A 882 -14.19 -0.74 11.87
N VAL A 883 -15.45 -0.70 12.32
CA VAL A 883 -16.28 0.48 12.09
C VAL A 883 -15.69 1.68 12.80
N THR A 884 -15.11 1.47 13.98
CA THR A 884 -14.42 2.54 14.69
C THR A 884 -12.98 2.73 14.25
N LYS A 885 -12.45 1.84 13.41
CA LYS A 885 -11.09 2.02 12.91
C LYS A 885 -11.00 3.27 12.04
N THR A 886 -12.00 3.49 11.18
CA THR A 886 -12.01 4.69 10.35
C THR A 886 -12.31 5.95 11.14
N ALA A 887 -12.74 5.83 12.40
CA ALA A 887 -12.99 7.01 13.22
C ALA A 887 -11.72 7.81 13.49
N TRP A 888 -10.55 7.20 13.33
CA TRP A 888 -9.29 7.91 13.55
C TRP A 888 -9.04 8.97 12.50
N TYR A 889 -9.44 8.71 11.25
CA TYR A 889 -9.05 9.59 10.14
C TYR A 889 -9.74 10.94 10.24
N TRP A 890 -10.93 11.01 10.84
CA TRP A 890 -11.59 12.30 11.02
C TRP A 890 -10.77 13.21 11.92
N TYR A 891 -10.19 12.65 12.99
CA TYR A 891 -9.43 13.47 13.93
C TYR A 891 -8.18 14.06 13.27
N GLN A 892 -7.39 13.23 12.60
CA GLN A 892 -6.16 13.72 11.98
C GLN A 892 -6.41 14.51 10.72
N ASN A 893 -7.56 14.30 10.07
CA ASN A 893 -7.98 15.06 8.87
C ASN A 893 -6.83 15.25 7.89
N ARG A 894 -6.11 14.18 7.62
CA ARG A 894 -5.01 14.23 6.66
C ARG A 894 -5.54 14.57 5.28
N ASP A 895 -4.85 15.50 4.60
CA ASP A 895 -5.29 15.90 3.27
C ASP A 895 -5.05 14.81 2.23
N ILE A 896 -4.24 13.79 2.56
CA ILE A 896 -4.00 12.71 1.62
C ILE A 896 -5.16 11.74 1.52
N ASP A 897 -6.18 11.88 2.37
CA ASP A 897 -7.39 11.07 2.28
C ASP A 897 -8.51 11.93 1.73
N GLN A 898 -9.06 11.52 0.59
CA GLN A 898 -10.17 12.22 -0.04
C GLN A 898 -11.49 11.44 0.04
N TRP A 899 -11.42 10.12 0.20
CA TRP A 899 -12.61 9.29 0.18
C TRP A 899 -13.60 9.67 1.27
N ASN A 900 -13.11 10.21 2.39
CA ASN A 900 -14.02 10.61 3.46
C ASN A 900 -14.93 11.76 3.04
N ARG A 901 -14.54 12.54 2.04
CA ARG A 901 -15.34 13.68 1.59
C ARG A 901 -16.27 13.33 0.44
N THR A 902 -16.34 12.06 0.04
CA THR A 902 -17.16 11.67 -1.10
C THR A 902 -18.61 11.37 -0.74
N GLU A 903 -18.95 11.34 0.54
CA GLU A 903 -20.31 11.02 0.93
C GLU A 903 -21.25 12.14 0.51
N PRO A 904 -22.44 11.81 0.01
CA PRO A 904 -23.36 12.86 -0.46
C PRO A 904 -23.96 13.64 0.71
N SER A 905 -24.25 14.91 0.44
CA SER A 905 -24.85 15.79 1.43
C SER A 905 -25.65 16.86 0.70
N GLU A 906 -26.98 16.79 0.82
CA GLU A 906 -27.85 17.78 0.21
C GLU A 906 -28.04 19.01 1.09
N ILE A 907 -27.37 19.05 2.25
CA ILE A 907 -27.50 20.15 3.19
C ILE A 907 -26.14 20.78 3.43
N MET A 908 -26.09 21.77 4.35
CA MET A 908 -24.95 22.61 4.68
C MET A 908 -23.67 21.77 4.71
N PRO A 909 -22.54 22.31 4.23
CA PRO A 909 -21.42 21.46 3.82
C PRO A 909 -20.65 20.77 4.93
N HIS A 910 -19.56 20.13 4.55
CA HIS A 910 -18.78 19.22 5.38
C HIS A 910 -18.55 19.72 6.80
N ILE A 911 -18.86 18.85 7.76
CA ILE A 911 -18.46 18.99 9.16
C ILE A 911 -17.60 17.82 9.60
N TYR A 912 -17.26 16.91 8.69
CA TYR A 912 -16.64 15.63 9.01
C TYR A 912 -15.27 15.75 9.67
N ASN A 913 -14.79 16.98 9.85
CA ASN A 913 -13.56 17.20 10.59
C ASN A 913 -13.82 17.52 12.06
N TYR A 914 -14.86 18.29 12.34
CA TYR A 914 -15.23 18.64 13.72
C TYR A 914 -16.33 17.73 14.26
N LEU A 915 -16.10 16.41 14.24
CA LEU A 915 -17.04 15.47 14.84
C LEU A 915 -16.43 14.73 16.03
N ILE A 916 -15.29 14.09 15.85
CA ILE A 916 -14.66 13.34 16.92
C ILE A 916 -13.85 14.30 17.79
N PHE A 917 -13.95 14.13 19.11
CA PHE A 917 -13.25 14.96 20.08
C PHE A 917 -13.56 16.44 19.86
N ASP A 918 -14.86 16.73 19.68
CA ASP A 918 -15.31 18.09 19.41
C ASP A 918 -16.75 18.22 19.85
N LYS A 919 -17.21 19.47 19.91
CA LYS A 919 -18.59 19.74 20.29
C LYS A 919 -19.54 19.16 19.26
N PRO A 920 -20.58 18.44 19.70
CA PRO A 920 -21.52 17.85 18.74
C PRO A 920 -22.51 18.88 18.22
N GLU A 921 -22.82 18.77 16.93
CA GLU A 921 -23.78 19.68 16.31
C GLU A 921 -25.20 19.22 16.58
N LYS A 922 -26.02 20.10 17.12
CA LYS A 922 -27.39 19.77 17.48
C LYS A 922 -28.33 20.07 16.30
N ASN A 923 -29.48 19.37 16.32
CA ASN A 923 -30.48 19.50 15.26
C ASN A 923 -29.89 19.20 13.89
N LYS A 924 -29.00 18.22 13.83
CA LYS A 924 -28.39 17.80 12.58
C LYS A 924 -28.04 16.33 12.69
N GLN A 925 -28.80 15.47 12.01
CA GLN A 925 -28.59 14.04 12.04
C GLN A 925 -28.33 13.53 10.62
N TRP A 926 -27.34 12.65 10.49
CA TRP A 926 -27.00 12.04 9.21
C TRP A 926 -27.73 10.72 9.04
N GLY A 927 -27.78 10.25 7.81
CA GLY A 927 -28.47 9.03 7.48
C GLY A 927 -28.87 9.04 6.02
N LYS A 928 -29.78 8.12 5.68
CA LYS A 928 -30.31 7.99 4.33
C LYS A 928 -29.19 7.85 3.32
N ASP A 929 -28.80 8.96 2.69
CA ASP A 929 -27.76 8.92 1.66
C ASP A 929 -26.43 8.43 2.23
N SER A 930 -26.07 8.90 3.43
CA SER A 930 -24.83 8.45 4.06
C SER A 930 -24.95 6.98 4.44
N LEU A 931 -23.93 6.20 4.09
CA LEU A 931 -23.93 4.76 4.32
C LEU A 931 -22.79 4.30 5.21
N LEU A 932 -21.60 4.88 5.07
CA LEU A 932 -20.42 4.42 5.77
C LEU A 932 -19.90 5.41 6.80
N ASN A 933 -20.56 6.56 6.97
CA ASN A 933 -20.15 7.57 7.93
C ASN A 933 -21.08 7.65 9.13
N LYS A 934 -22.39 7.67 8.91
CA LYS A 934 -23.33 7.77 10.02
C LYS A 934 -23.24 6.53 10.92
N TRP A 935 -23.06 5.36 10.34
CA TRP A 935 -22.91 4.15 11.14
C TRP A 935 -21.66 4.21 12.01
N CYS A 936 -20.59 4.83 11.51
CA CYS A 936 -19.41 5.01 12.32
C CYS A 936 -19.70 5.92 13.52
N TRP A 937 -20.40 7.02 13.28
CA TRP A 937 -20.77 7.91 14.38
C TRP A 937 -21.70 7.22 15.36
N GLU A 938 -22.67 6.46 14.84
CA GLU A 938 -23.57 5.72 15.73
C GLU A 938 -22.81 4.69 16.55
N ASN A 939 -21.76 4.09 15.97
CA ASN A 939 -20.90 3.19 16.72
C ASN A 939 -19.86 3.92 17.55
N TRP A 940 -19.45 5.12 17.14
CA TRP A 940 -18.50 5.89 17.93
C TRP A 940 -19.14 6.37 19.23
N LEU A 941 -20.38 6.84 19.16
CA LEU A 941 -21.05 7.30 20.37
C LEU A 941 -21.43 6.14 21.27
N ALA A 942 -21.76 4.99 20.69
CA ALA A 942 -22.19 3.84 21.47
C ALA A 942 -21.09 3.35 22.41
N ILE A 943 -19.86 3.26 21.90
CA ILE A 943 -18.78 2.70 22.71
C ILE A 943 -18.39 3.67 23.83
N CYS A 944 -18.32 4.97 23.53
CA CYS A 944 -17.89 5.92 24.55
C CYS A 944 -18.92 6.08 25.66
N ARG A 945 -20.21 5.97 25.33
CA ARG A 945 -21.24 6.03 26.36
C ARG A 945 -21.11 4.88 27.35
N LYS A 946 -20.82 3.67 26.85
CA LYS A 946 -20.59 2.56 27.75
C LYS A 946 -19.35 2.77 28.60
N LEU A 947 -18.38 3.54 28.09
CA LEU A 947 -17.19 3.87 28.86
C LEU A 947 -17.44 4.96 29.90
N LYS A 948 -18.62 5.60 29.86
CA LYS A 948 -18.97 6.69 30.77
C LYS A 948 -17.94 7.83 30.66
N LEU A 949 -17.79 8.33 29.44
CA LEU A 949 -16.81 9.36 29.14
C LEU A 949 -17.47 10.44 28.29
N ASP A 950 -16.99 11.67 28.44
CA ASP A 950 -17.47 12.78 27.62
C ASP A 950 -16.51 12.98 26.46
N PRO A 951 -16.90 12.64 25.23
CA PRO A 951 -15.97 12.75 24.10
C PRO A 951 -15.88 14.13 23.50
N PHE A 952 -16.80 15.03 23.83
CA PHE A 952 -16.82 16.35 23.21
C PHE A 952 -15.79 17.31 23.80
N LEU A 953 -15.23 16.99 24.96
CA LEU A 953 -14.15 17.78 25.56
C LEU A 953 -13.16 16.81 26.19
N THR A 954 -11.96 16.75 25.62
CA THR A 954 -10.95 15.77 25.99
C THR A 954 -9.61 16.49 26.03
N PRO A 955 -8.66 15.99 26.83
CA PRO A 955 -7.29 16.57 26.78
C PRO A 955 -6.69 16.57 25.40
N TYR A 956 -7.05 15.61 24.55
CA TYR A 956 -6.52 15.51 23.20
C TYR A 956 -7.33 16.33 22.20
N THR A 957 -8.15 17.27 22.66
CA THR A 957 -8.96 18.07 21.77
C THR A 957 -8.08 18.93 20.86
N LYS A 958 -8.43 18.97 19.59
CA LYS A 958 -7.70 19.79 18.63
C LYS A 958 -7.86 21.27 18.95
N ILE A 959 -6.81 22.04 18.71
CA ILE A 959 -6.86 23.47 18.94
C ILE A 959 -7.84 24.13 17.97
N ASN A 960 -7.92 23.62 16.75
CA ASN A 960 -8.83 24.15 15.75
C ASN A 960 -10.22 23.53 15.84
N SER A 961 -10.59 23.01 17.00
CA SER A 961 -11.90 22.39 17.17
C SER A 961 -13.01 23.45 17.15
N ARG A 962 -14.21 22.99 16.82
CA ARG A 962 -15.37 23.89 16.79
C ARG A 962 -15.77 24.39 18.18
N TRP A 963 -15.25 23.77 19.24
CA TRP A 963 -15.54 24.27 20.58
C TRP A 963 -15.09 25.72 20.75
N ILE A 964 -13.98 26.08 20.13
CA ILE A 964 -13.54 27.48 20.12
C ILE A 964 -14.10 28.24 18.92
N LYS A 965 -14.54 27.54 17.88
CA LYS A 965 -15.14 28.18 16.71
C LYS A 965 -16.62 28.45 16.89
N ASP A 966 -17.21 28.06 18.02
CA ASP A 966 -18.63 28.33 18.25
C ASP A 966 -18.92 29.82 18.27
N LEU A 967 -18.04 30.60 18.90
CA LEU A 967 -18.16 32.04 18.93
C LEU A 967 -17.27 32.66 17.87
N ASN A 968 -17.52 33.94 17.57
CA ASN A 968 -16.79 34.64 16.52
C ASN A 968 -15.33 34.80 16.95
N VAL A 969 -14.43 34.09 16.27
CA VAL A 969 -13.00 34.15 16.55
C VAL A 969 -12.27 34.40 15.23
N LYS A 970 -11.08 34.98 15.35
CA LYS A 970 -10.27 35.29 14.18
C LYS A 970 -9.56 34.03 13.71
N PRO A 971 -9.71 33.63 12.45
CA PRO A 971 -8.96 32.45 11.96
C PRO A 971 -7.45 32.61 12.10
N LYS A 972 -6.94 33.84 11.93
CA LYS A 972 -5.51 34.07 12.05
C LYS A 972 -5.02 33.77 13.46
N THR A 973 -5.87 33.94 14.47
CA THR A 973 -5.46 33.72 15.85
C THR A 973 -5.04 32.28 16.08
N ILE A 974 -5.78 31.32 15.51
CA ILE A 974 -5.39 29.92 15.62
C ILE A 974 -4.05 29.68 14.95
N LYS A 975 -3.77 30.38 13.84
CA LYS A 975 -2.49 30.22 13.17
C LYS A 975 -1.34 30.75 14.02
N THR A 976 -1.61 31.72 14.91
CA THR A 976 -0.54 32.27 15.74
C THR A 976 0.08 31.21 16.64
N LEU A 977 -0.76 30.47 17.36
CA LEU A 977 -0.28 29.41 18.24
C LEU A 977 -0.24 28.04 17.57
N GLU A 978 -0.61 27.96 16.29
CA GLU A 978 -0.50 26.71 15.56
C GLU A 978 0.95 26.25 15.45
N GLU A 979 1.86 27.19 15.16
CA GLU A 979 3.27 26.83 15.09
C GLU A 979 3.88 26.66 16.47
N ASN A 980 3.32 27.30 17.49
CA ASN A 980 3.92 27.23 18.83
C ASN A 980 3.57 25.93 19.52
N LEU A 981 2.28 25.71 19.80
CA LEU A 981 1.83 24.46 20.41
C LEU A 981 1.20 23.53 19.37
N GLY A 982 0.12 23.97 18.75
CA GLY A 982 -0.45 23.31 17.58
C GLY A 982 -1.27 22.05 17.78
N ILE A 983 -1.01 21.29 18.86
CA ILE A 983 -1.52 19.94 18.95
C ILE A 983 -2.81 19.88 19.78
N THR A 984 -2.73 20.25 21.05
CA THR A 984 -3.86 20.10 21.97
C THR A 984 -4.20 21.43 22.63
N ILE A 985 -5.48 21.59 22.95
CA ILE A 985 -5.92 22.69 23.80
C ILE A 985 -5.36 22.54 25.20
N GLN A 986 -5.19 21.29 25.66
CA GLN A 986 -4.68 21.06 27.00
C GLN A 986 -3.30 21.67 27.19
N ASP A 987 -2.42 21.52 26.20
CA ASP A 987 -1.09 22.13 26.30
C ASP A 987 -1.16 23.66 26.21
N ILE A 988 -2.23 24.21 25.64
CA ILE A 988 -2.36 25.66 25.57
C ILE A 988 -2.50 26.25 26.96
N GLY A 989 -3.34 25.63 27.80
CA GLY A 989 -3.57 26.12 29.14
C GLY A 989 -5.03 26.31 29.45
N VAL A 990 -5.44 25.93 30.65
CA VAL A 990 -6.83 26.00 31.08
C VAL A 990 -6.87 26.40 32.56
N GLY A 991 -8.08 26.54 33.10
CA GLY A 991 -8.26 26.94 34.48
C GLY A 991 -7.84 28.37 34.72
N LYS A 992 -6.74 28.56 35.46
CA LYS A 992 -6.15 29.87 35.66
C LYS A 992 -4.84 30.03 34.88
N ASP A 993 -4.62 29.19 33.87
CA ASP A 993 -3.41 29.19 33.07
C ASP A 993 -3.73 29.57 31.62
N PHE A 994 -4.55 30.60 31.43
CA PHE A 994 -4.94 31.05 30.10
C PHE A 994 -3.70 31.41 29.28
N MET A 995 -3.42 30.63 28.23
CA MET A 995 -2.24 30.73 27.38
C MET A 995 -0.98 31.08 28.17
N SER A 996 -0.86 30.54 29.39
CA SER A 996 0.32 30.80 30.22
C SER A 996 0.56 29.56 31.09
N LYS A 997 1.40 28.65 30.59
CA LYS A 997 1.88 27.52 31.37
C LYS A 997 3.37 27.26 31.19
N THR A 998 3.98 27.72 30.10
CA THR A 998 5.36 27.46 29.76
C THR A 998 6.03 28.75 29.34
N PRO A 999 7.36 28.84 29.48
CA PRO A 999 8.04 30.13 29.19
C PRO A 999 7.81 30.66 27.79
N LYS A 1000 7.75 29.80 26.77
CA LYS A 1000 7.55 30.30 25.41
C LYS A 1000 6.14 30.84 25.21
N ALA A 1001 5.20 30.50 26.09
CA ALA A 1001 3.86 31.09 26.01
C ALA A 1001 3.88 32.55 26.42
N MET A 1002 4.80 32.94 27.32
CA MET A 1002 4.95 34.35 27.67
C MET A 1002 5.33 35.17 26.45
N ALA A 1003 6.13 34.60 25.56
CA ALA A 1003 6.49 35.24 24.30
C ALA A 1003 5.42 35.06 23.23
N THR A 1004 4.32 34.39 23.53
CA THR A 1004 3.25 34.16 22.58
C THR A 1004 2.02 35.03 22.83
N LYS A 1005 1.73 35.35 24.10
CA LYS A 1005 0.52 36.11 24.40
C LYS A 1005 0.53 37.48 23.75
N ASP A 1006 1.71 38.07 23.54
CA ASP A 1006 1.79 39.33 22.81
C ASP A 1006 1.31 39.17 21.37
N LYS A 1007 1.64 38.04 20.74
CA LYS A 1007 1.15 37.76 19.40
C LYS A 1007 -0.36 37.57 19.37
N ILE A 1008 -0.94 37.07 20.46
CA ILE A 1008 -2.38 36.80 20.50
C ILE A 1008 -3.13 38.13 20.58
N ASP A 1009 -4.19 38.24 19.80
CA ASP A 1009 -5.01 39.45 19.80
C ASP A 1009 -5.65 39.67 21.16
N LYS A 1010 -5.74 40.95 21.56
CA LYS A 1010 -6.25 41.25 22.90
C LYS A 1010 -7.77 41.06 23.00
N TRP A 1011 -8.50 41.22 21.88
CA TRP A 1011 -9.90 40.81 21.91
C TRP A 1011 -10.04 39.30 22.02
N ASP A 1012 -9.01 38.54 21.62
CA ASP A 1012 -9.05 37.09 21.78
C ASP A 1012 -8.81 36.67 23.21
N LEU A 1013 -7.98 37.41 23.95
CA LEU A 1013 -7.70 37.06 25.34
C LEU A 1013 -8.97 37.09 26.18
N ILE A 1014 -9.74 38.18 26.10
CA ILE A 1014 -10.97 38.29 26.85
C ILE A 1014 -11.96 37.22 26.42
N LYS A 1015 -12.00 36.91 25.12
CA LYS A 1015 -12.84 35.83 24.63
C LYS A 1015 -12.38 34.49 25.18
N LEU A 1016 -11.07 34.26 25.23
CA LEU A 1016 -10.55 32.98 25.70
C LEU A 1016 -10.46 32.92 27.22
N LYS A 1017 -10.27 34.05 27.88
CA LYS A 1017 -10.23 34.05 29.34
C LYS A 1017 -11.58 33.71 29.95
N SER A 1018 -12.67 33.87 29.19
CA SER A 1018 -13.98 33.44 29.63
C SER A 1018 -14.28 32.00 29.24
N PHE A 1019 -13.44 31.38 28.41
CA PHE A 1019 -13.70 30.02 27.96
C PHE A 1019 -13.48 29.01 29.09
N CYS A 1020 -12.37 29.13 29.81
CA CYS A 1020 -12.01 28.19 30.85
C CYS A 1020 -12.26 28.74 32.25
N THR A 1021 -12.94 29.88 32.36
CA THR A 1021 -13.26 30.42 33.68
C THR A 1021 -14.20 29.51 34.45
N ALA A 1022 -15.16 28.89 33.76
CA ALA A 1022 -16.11 28.00 34.42
C ALA A 1022 -15.39 26.78 34.97
N LYS A 1023 -15.85 26.34 36.15
CA LYS A 1023 -15.22 25.19 36.81
C LYS A 1023 -15.40 23.92 35.99
N GLU A 1024 -16.55 23.78 35.33
CA GLU A 1024 -16.81 22.59 34.52
C GLU A 1024 -15.80 22.48 33.38
N THR A 1025 -15.49 23.60 32.73
CA THR A 1025 -14.54 23.59 31.63
C THR A 1025 -13.14 23.16 32.08
N THR A 1026 -12.80 23.37 33.35
CA THR A 1026 -11.49 23.01 33.84
C THR A 1026 -11.36 21.51 34.07
N ILE A 1027 -12.29 20.93 34.82
CA ILE A 1027 -12.19 19.51 35.18
C ILE A 1027 -12.30 18.63 33.94
N ARG A 1028 -13.00 19.08 32.92
CA ARG A 1028 -13.18 18.26 31.72
C ARG A 1028 -11.85 18.00 31.02
N VAL A 1029 -10.99 19.01 30.95
CA VAL A 1029 -9.70 18.89 30.27
C VAL A 1029 -8.59 18.51 31.24
N ASN A 1030 -8.60 19.07 32.45
CA ASN A 1030 -7.55 18.79 33.44
C ASN A 1030 -7.77 17.41 34.05
N ARG A 1031 -7.55 16.40 33.20
CA ARG A 1031 -7.64 15.01 33.65
C ARG A 1031 -6.64 14.19 32.85
N GLN A 1032 -6.19 13.09 33.44
CA GLN A 1032 -5.26 12.20 32.78
C GLN A 1032 -5.99 11.46 31.66
N PRO A 1033 -5.54 11.57 30.41
CA PRO A 1033 -6.21 10.84 29.32
C PRO A 1033 -6.17 9.33 29.54
N THR A 1034 -7.26 8.67 29.19
CA THR A 1034 -7.36 7.23 29.37
C THR A 1034 -6.72 6.50 28.20
N THR A 1035 -6.74 5.17 28.26
CA THR A 1035 -6.15 4.37 27.19
C THR A 1035 -6.89 4.56 25.88
N TRP A 1036 -8.23 4.70 25.95
CA TRP A 1036 -9.03 4.78 24.73
C TRP A 1036 -8.70 6.04 23.93
N GLU A 1037 -8.66 7.19 24.60
CA GLU A 1037 -8.35 8.43 23.90
C GLU A 1037 -6.91 8.46 23.40
N LYS A 1038 -6.04 7.63 23.96
CA LYS A 1038 -4.63 7.64 23.57
C LYS A 1038 -4.45 7.27 22.11
N ILE A 1039 -5.01 6.13 21.69
CA ILE A 1039 -4.76 5.61 20.35
C ILE A 1039 -5.37 6.51 19.29
N PHE A 1040 -6.48 7.19 19.60
CA PHE A 1040 -7.15 8.01 18.61
C PHE A 1040 -6.51 9.38 18.45
N ALA A 1041 -5.51 9.72 19.26
CA ALA A 1041 -4.76 10.96 19.10
C ALA A 1041 -3.31 10.71 18.73
N THR A 1042 -2.59 9.94 19.54
CA THR A 1042 -1.23 9.54 19.22
C THR A 1042 -1.28 8.32 18.30
N TYR A 1043 -0.14 7.66 18.09
CA TYR A 1043 -0.06 6.44 17.29
C TYR A 1043 -0.39 6.75 15.83
N SER A 1044 0.39 7.66 15.24
CA SER A 1044 0.15 8.11 13.88
C SER A 1044 0.51 7.06 12.84
N SER A 1045 1.34 6.09 13.18
CA SER A 1045 1.71 5.02 12.26
C SER A 1045 0.62 3.96 12.30
N ASP A 1046 -0.52 4.27 11.69
CA ASP A 1046 -1.72 3.45 11.81
C ASP A 1046 -1.55 2.19 10.97
N LYS A 1047 -0.87 1.20 11.56
CA LYS A 1047 -0.73 -0.12 10.98
C LYS A 1047 -1.45 -1.19 11.77
N GLY A 1048 -1.38 -1.15 13.09
CA GLY A 1048 -2.07 -2.10 13.93
C GLY A 1048 -3.16 -1.48 14.78
N LEU A 1049 -3.92 -0.55 14.19
CA LEU A 1049 -5.02 0.09 14.92
C LEU A 1049 -6.06 -0.93 15.36
N ILE A 1050 -6.21 -2.02 14.61
CA ILE A 1050 -7.17 -3.06 14.98
C ILE A 1050 -6.80 -3.69 16.31
N SER A 1051 -5.51 -3.97 16.51
CA SER A 1051 -5.08 -4.66 17.73
C SER A 1051 -5.44 -3.87 18.98
N ARG A 1052 -5.19 -2.56 18.97
CA ARG A 1052 -5.49 -1.74 20.14
C ARG A 1052 -6.99 -1.65 20.38
N ILE A 1053 -7.77 -1.35 19.32
CA ILE A 1053 -9.20 -1.15 19.48
C ILE A 1053 -9.88 -2.45 19.89
N TYR A 1054 -9.56 -3.54 19.22
CA TYR A 1054 -10.19 -4.83 19.53
C TYR A 1054 -9.86 -5.26 20.95
N ASN A 1055 -8.60 -5.07 21.37
CA ASN A 1055 -8.25 -5.38 22.76
C ASN A 1055 -9.00 -4.47 23.72
N GLU A 1056 -9.13 -3.18 23.38
CA GLU A 1056 -9.86 -2.26 24.25
C GLU A 1056 -11.34 -2.61 24.29
N LEU A 1057 -11.92 -2.94 23.13
CA LEU A 1057 -13.32 -3.36 23.10
C LEU A 1057 -13.54 -4.66 23.85
N LYS A 1058 -12.53 -5.53 23.90
CA LYS A 1058 -12.66 -6.78 24.62
C LYS A 1058 -12.85 -6.53 26.11
N GLN A 1059 -12.12 -5.57 26.67
CA GLN A 1059 -12.19 -5.32 28.11
C GLN A 1059 -13.54 -4.71 28.50
N ILE A 1060 -13.99 -3.71 27.76
CA ILE A 1060 -15.25 -3.03 28.12
C ILE A 1060 -16.44 -3.97 27.87
N TYR A 1061 -16.40 -4.72 26.78
CA TYR A 1061 -17.50 -5.64 26.47
C TYR A 1061 -17.22 -7.03 27.04
#